data_9OUC
#
_entry.id   9OUC
#
_cell.length_a   72.968
_cell.length_b   96.861
_cell.length_c   285.255
_cell.angle_alpha   90
_cell.angle_beta   90
_cell.angle_gamma   90
#
_symmetry.space_group_name_H-M   'C 2 2 21'
#
loop_
_entity.id
_entity.type
_entity.pdbx_description
1 polymer Nucleoprotein
2 non-polymer 5-{4-[(morpholin-4-yl)methyl]phenyl}-2-oxo-6-(trifluoromethyl)-1,2-dihydropyridine-3-carboxamide
3 non-polymer 'MAGNESIUM ION'
4 water water
#
_entity_poly.entity_id   1
_entity_poly.type   'polypeptide(L)'
_entity_poly.pdbx_seq_one_letter_code
;MRSYEQMETDGERQNATEIRASVGKMIGGIGRFYIQMCTELKLSDYEGRLIQNSLTIERMVLSAFDERRNKYLEEHPSAG
KDPKKTGGPIYRRVNGKWMRELILYDKEEIRRIWRQANNGDDATAGLTHMMIWHSNLNDATYQRTRALVRTGMDPRMCSL
MQGSTLPRRSGAAGAAVKGVGTMVMELVRMIKRGINDRNFWRGENGRKTRIAYERMCNILKGKFQTAAQKAMMDQVRESR
NPGNAEFEDLTFLARSALILRGSVAHKSCLPACVYGPAVASGYDFEREGYSLVGIDPFRLLQNSQVYSLIRPNENPAHKS
QLVWMACHSAAFEDLRVLSFIKGTKVLPRGKLSTRGVQIASNENMETMESSTLELRSRYWAIRTRSGGNTNQQRASAGQI
SIQPTFSVQRNLPFDRTTIMAAFNGNTEGRTSDMRTEIIRMMESARPEDVSFQGRGVFELSDEKAASPIVPSFDMSNEGS
YFFGDNAEEYDNHHHHHH
;
_entity_poly.pdbx_strand_id   A,B
#
loop_
_chem_comp.id
_chem_comp.type
_chem_comp.name
_chem_comp.formula
A1CEM non-polymer 5-{4-[(morpholin-4-yl)methyl]phenyl}-2-oxo-6-(trifluoromethyl)-1,2-dihydropyridine-3-carboxamide 'C18 H18 F3 N3 O3'
MG non-polymer 'MAGNESIUM ION' 'Mg 2'
#
# COMPACT_ATOMS: atom_id res chain seq x y z
N ASN A 15 17.55 8.43 -0.87
CA ASN A 15 16.22 7.88 -0.64
C ASN A 15 16.22 6.42 -0.15
N ALA A 16 17.34 5.70 -0.34
CA ALA A 16 17.50 4.30 0.07
C ALA A 16 17.44 4.11 1.59
N THR A 17 17.66 5.18 2.37
CA THR A 17 17.56 5.18 3.83
C THR A 17 16.06 5.13 4.18
N GLU A 18 15.22 5.94 3.47
CA GLU A 18 13.76 5.98 3.63
C GLU A 18 13.12 4.66 3.16
N ILE A 19 13.73 3.99 2.18
CA ILE A 19 13.22 2.70 1.71
C ILE A 19 13.56 1.60 2.72
N ARG A 20 14.74 1.69 3.38
CA ARG A 20 15.17 0.72 4.41
C ARG A 20 14.34 0.83 5.69
N ALA A 21 13.88 2.04 6.02
CA ALA A 21 13.07 2.28 7.21
C ALA A 21 11.68 1.67 7.07
N SER A 22 11.10 1.74 5.86
CA SER A 22 9.76 1.21 5.62
C SER A 22 9.74 -0.33 5.64
N VAL A 23 10.81 -0.97 5.11
CA VAL A 23 10.93 -2.44 5.15
C VAL A 23 11.17 -2.88 6.60
N GLY A 24 11.98 -2.12 7.34
CA GLY A 24 12.27 -2.41 8.74
C GLY A 24 11.02 -2.29 9.59
N LYS A 25 10.23 -1.27 9.32
CA LYS A 25 8.96 -1.15 10.08
C LYS A 25 8.13 -2.42 9.86
N MET A 26 8.05 -2.90 8.62
CA MET A 26 7.20 -4.09 8.32
C MET A 26 7.68 -5.35 9.05
N ILE A 27 8.98 -5.58 9.07
CA ILE A 27 9.55 -6.78 9.76
C ILE A 27 9.24 -6.69 11.26
N GLY A 28 9.36 -5.50 11.85
CA GLY A 28 9.13 -5.32 13.30
C GLY A 28 7.72 -5.66 13.68
N GLY A 29 6.76 -5.26 12.85
CA GLY A 29 5.35 -5.60 13.10
C GLY A 29 5.09 -7.09 13.04
N ILE A 30 5.72 -7.78 12.10
CA ILE A 30 5.58 -9.27 12.02
C ILE A 30 6.15 -9.85 13.32
N GLY A 31 7.28 -9.32 13.77
CA GLY A 31 7.89 -9.80 15.00
C GLY A 31 6.98 -9.53 16.17
N ARG A 32 6.43 -8.32 16.22
CA ARG A 32 5.52 -7.95 17.31
C ARG A 32 4.23 -8.75 17.30
N PHE A 33 3.73 -9.07 16.12
CA PHE A 33 2.53 -9.88 15.98
C PHE A 33 2.79 -11.30 16.49
N TYR A 34 3.98 -11.82 16.23
CA TYR A 34 4.29 -13.21 16.64
C TYR A 34 4.41 -13.26 18.15
N ILE A 35 5.12 -12.28 18.71
CA ILE A 35 5.26 -12.25 20.17
C ILE A 35 3.91 -12.25 20.87
N GLN A 36 2.95 -11.51 20.29
CA GLN A 36 1.62 -11.43 20.86
C GLN A 36 0.90 -12.75 20.74
N MET A 37 0.98 -13.38 19.56
CA MET A 37 0.34 -14.66 19.33
C MET A 37 0.88 -15.75 20.22
N CYS A 38 2.20 -15.80 20.42
CA CYS A 38 2.82 -16.77 21.32
C CYS A 38 2.31 -16.57 22.75
N THR A 39 2.10 -15.31 23.15
CA THR A 39 1.60 -14.91 24.47
C THR A 39 0.16 -15.32 24.66
N GLU A 40 -0.65 -15.19 23.61
CA GLU A 40 -2.07 -15.64 23.70
C GLU A 40 -2.11 -17.17 23.80
N LEU A 41 -1.39 -17.87 22.94
CA LEU A 41 -1.34 -19.32 22.95
C LEU A 41 -0.57 -19.93 24.12
N LYS A 42 0.20 -19.11 24.83
CA LYS A 42 0.95 -19.59 26.02
C LYS A 42 2.04 -20.57 25.58
N LEU A 43 2.61 -20.33 24.40
CA LEU A 43 3.74 -21.16 23.88
C LEU A 43 5.02 -20.86 24.65
N SER A 44 5.85 -21.88 24.81
CA SER A 44 7.15 -21.72 25.50
C SER A 44 8.15 -21.08 24.55
N ASP A 45 9.40 -20.96 24.98
CA ASP A 45 10.42 -20.46 24.06
C ASP A 45 10.62 -21.50 22.93
N TYR A 46 10.68 -22.79 23.29
CA TYR A 46 10.85 -23.85 22.31
C TYR A 46 9.66 -23.90 21.36
N GLU A 47 8.45 -23.90 21.92
CA GLU A 47 7.22 -24.00 21.11
C GLU A 47 7.10 -22.78 20.19
N GLY A 48 7.47 -21.60 20.68
CA GLY A 48 7.43 -20.40 19.88
C GLY A 48 8.40 -20.49 18.72
N ARG A 49 9.59 -21.04 18.97
CA ARG A 49 10.62 -21.19 17.94
C ARG A 49 10.44 -22.41 17.04
N LEU A 50 9.33 -23.16 17.19
CA LEU A 50 9.07 -24.30 16.32
C LEU A 50 8.52 -23.75 15.01
N ILE A 51 9.16 -24.07 13.89
CA ILE A 51 8.74 -23.58 12.58
C ILE A 51 7.32 -24.07 12.20
N GLN A 52 6.89 -25.26 12.67
CA GLN A 52 5.54 -25.76 12.41
C GLN A 52 4.51 -24.87 13.07
N ASN A 53 4.82 -24.34 14.26
CA ASN A 53 3.92 -23.42 14.93
C ASN A 53 3.94 -22.08 14.23
N SER A 54 5.12 -21.63 13.78
CA SER A 54 5.23 -20.36 13.06
C SER A 54 4.33 -20.33 11.83
N LEU A 55 4.38 -21.42 11.04
CA LEU A 55 3.56 -21.56 9.84
C LEU A 55 2.08 -21.48 10.17
N THR A 56 1.64 -22.15 11.24
CA THR A 56 0.23 -22.09 11.65
C THR A 56 -0.18 -20.64 11.97
N ILE A 57 0.64 -19.91 12.76
CA ILE A 57 0.41 -18.53 13.17
C ILE A 57 0.43 -17.58 11.98
N GLU A 58 1.31 -17.84 11.03
CA GLU A 58 1.42 -16.99 9.81
C GLU A 58 0.20 -17.23 8.90
N ARG A 59 -0.24 -18.47 8.74
CA ARG A 59 -1.43 -18.75 7.93
C ARG A 59 -2.69 -18.21 8.54
N MET A 60 -2.76 -18.10 9.87
CA MET A 60 -3.94 -17.58 10.56
C MET A 60 -4.16 -16.13 10.26
N VAL A 61 -3.08 -15.34 10.20
CA VAL A 61 -3.22 -13.91 9.92
C VAL A 61 -3.57 -13.71 8.46
N LEU A 62 -2.97 -14.49 7.55
CA LEU A 62 -3.29 -14.43 6.12
C LEU A 62 -4.75 -14.82 5.90
N SER A 63 -5.21 -15.87 6.60
CA SER A 63 -6.57 -16.34 6.50
C SER A 63 -7.57 -15.30 7.04
N ALA A 64 -7.26 -14.68 8.18
CA ALA A 64 -8.15 -13.66 8.76
C ALA A 64 -8.32 -12.46 7.83
N PHE A 65 -7.24 -12.00 7.20
CA PHE A 65 -7.30 -10.85 6.29
C PHE A 65 -7.74 -11.18 4.87
N ASP A 66 -7.66 -12.45 4.47
CA ASP A 66 -8.02 -12.88 3.13
C ASP A 66 -9.51 -12.81 2.82
N GLU A 67 -10.36 -13.19 3.80
CA GLU A 67 -11.82 -13.32 3.69
C GLU A 67 -12.22 -14.05 2.39
N ARG A 68 -11.61 -15.24 2.20
CA ARG A 68 -11.81 -16.20 1.11
C ARG A 68 -11.60 -15.62 -0.29
N ARG A 69 -10.72 -14.62 -0.43
CA ARG A 69 -10.48 -14.00 -1.73
C ARG A 69 -9.35 -14.65 -2.53
N ASN A 70 -8.65 -15.64 -1.96
CA ASN A 70 -7.50 -16.31 -2.57
C ASN A 70 -6.42 -15.31 -2.97
N LYS A 71 -6.23 -14.25 -2.16
CA LYS A 71 -5.25 -13.20 -2.39
C LYS A 71 -3.94 -13.50 -1.65
N TYR A 72 -4.03 -13.97 -0.40
CA TYR A 72 -2.85 -14.30 0.39
C TYR A 72 -2.70 -15.81 0.64
N LEU A 73 -3.76 -16.60 0.39
CA LEU A 73 -3.78 -18.02 0.69
C LEU A 73 -4.98 -18.74 0.02
N GLU A 74 -4.90 -20.07 -0.15
CA GLU A 74 -6.03 -20.87 -0.62
C GLU A 74 -6.29 -21.98 0.42
N GLU A 75 -7.57 -22.25 0.75
CA GLU A 75 -7.87 -23.18 1.84
C GLU A 75 -8.93 -24.24 1.54
N HIS A 76 -8.80 -25.38 2.23
CA HIS A 76 -9.67 -26.54 2.15
C HIS A 76 -11.11 -26.17 2.47
N PRO A 77 -12.08 -26.74 1.75
CA PRO A 77 -13.49 -26.44 2.04
C PRO A 77 -13.94 -26.76 3.46
N SER A 78 -13.11 -27.51 4.23
CA SER A 78 -13.39 -27.79 5.65
C SER A 78 -13.24 -26.49 6.45
N ALA A 79 -12.23 -25.65 6.11
CA ALA A 79 -12.04 -24.34 6.73
C ALA A 79 -13.21 -23.37 6.40
N GLY A 80 -13.87 -23.61 5.25
CA GLY A 80 -15.03 -22.87 4.80
C GLY A 80 -16.32 -23.20 5.55
N LYS A 81 -16.25 -24.12 6.56
CA LYS A 81 -17.41 -24.51 7.39
C LYS A 81 -17.86 -23.31 8.22
N ASP A 82 -16.90 -22.58 8.83
CA ASP A 82 -17.17 -21.34 9.56
C ASP A 82 -16.24 -20.28 8.99
N PRO A 83 -16.74 -19.44 8.08
CA PRO A 83 -15.88 -18.40 7.50
C PRO A 83 -15.46 -17.32 8.49
N LYS A 84 -16.13 -17.23 9.63
CA LYS A 84 -15.80 -16.23 10.64
C LYS A 84 -14.64 -16.67 11.57
N LYS A 85 -14.21 -17.95 11.51
CA LYS A 85 -13.12 -18.43 12.37
C LYS A 85 -11.98 -19.06 11.56
N THR A 86 -10.73 -18.81 11.97
CA THR A 86 -9.54 -19.40 11.33
C THR A 86 -8.71 -20.14 12.37
N GLY A 87 -8.08 -21.22 11.94
CA GLY A 87 -7.27 -22.03 12.85
C GLY A 87 -6.13 -22.77 12.23
N GLY A 88 -5.71 -23.82 12.91
CA GLY A 88 -4.60 -24.65 12.46
C GLY A 88 -4.00 -25.47 13.58
N PRO A 89 -2.98 -26.25 13.26
CA PRO A 89 -2.36 -27.09 14.30
C PRO A 89 -1.29 -26.39 15.14
N ILE A 90 -1.33 -26.61 16.44
CA ILE A 90 -0.37 -26.08 17.39
C ILE A 90 0.29 -27.27 18.07
N TYR A 91 1.62 -27.26 18.16
CA TYR A 91 2.37 -28.36 18.74
C TYR A 91 3.01 -27.94 20.06
N ARG A 92 2.71 -28.67 21.14
CA ARG A 92 3.27 -28.39 22.45
C ARG A 92 4.06 -29.59 22.97
N ARG A 93 5.14 -29.34 23.71
CA ARG A 93 5.94 -30.43 24.26
C ARG A 93 5.50 -30.85 25.66
N VAL A 94 4.72 -31.94 25.74
CA VAL A 94 4.21 -32.44 27.01
C VAL A 94 4.92 -33.74 27.44
N ASN A 95 5.82 -33.63 28.46
CA ASN A 95 6.60 -34.74 29.03
C ASN A 95 7.50 -35.44 28.02
N GLY A 96 8.27 -34.64 27.28
CA GLY A 96 9.18 -35.18 26.27
C GLY A 96 8.52 -35.50 24.94
N LYS A 97 7.23 -35.78 24.98
CA LYS A 97 6.46 -36.08 23.78
C LYS A 97 5.93 -34.79 23.14
N TRP A 98 5.49 -34.91 21.89
CA TRP A 98 4.91 -33.80 21.15
C TRP A 98 3.43 -34.07 20.93
N MET A 99 2.60 -33.06 21.17
CA MET A 99 1.14 -33.17 21.06
C MET A 99 0.64 -32.20 20.02
N ARG A 100 -0.40 -32.59 19.29
CA ARG A 100 -0.98 -31.72 18.28
C ARG A 100 -2.39 -31.34 18.70
N GLU A 101 -2.69 -30.05 18.73
CA GLU A 101 -4.01 -29.58 19.05
C GLU A 101 -4.48 -28.57 18.00
N LEU A 102 -5.79 -28.51 17.75
CA LEU A 102 -6.32 -27.59 16.76
C LEU A 102 -6.87 -26.37 17.46
N ILE A 103 -6.37 -25.20 17.08
CA ILE A 103 -6.80 -23.95 17.69
C ILE A 103 -7.69 -23.18 16.73
N LEU A 104 -8.78 -22.61 17.25
CA LEU A 104 -9.70 -21.84 16.42
C LEU A 104 -9.87 -20.46 17.03
N TYR A 105 -9.41 -19.45 16.31
CA TYR A 105 -9.51 -18.06 16.74
C TYR A 105 -10.54 -17.35 15.86
N ASP A 106 -11.12 -16.26 16.39
CA ASP A 106 -12.04 -15.44 15.60
C ASP A 106 -11.19 -14.61 14.65
N LYS A 107 -11.57 -14.55 13.36
CA LYS A 107 -10.87 -13.77 12.34
C LYS A 107 -10.78 -12.28 12.68
N GLU A 108 -11.80 -11.76 13.34
CA GLU A 108 -11.84 -10.38 13.80
C GLU A 108 -10.77 -10.13 14.87
N GLU A 109 -10.65 -11.02 15.85
CA GLU A 109 -9.62 -10.92 16.90
C GLU A 109 -8.20 -11.06 16.34
N ILE A 110 -7.95 -11.93 15.36
CA ILE A 110 -6.64 -12.07 14.72
C ILE A 110 -6.30 -10.75 14.01
N ARG A 111 -7.26 -10.19 13.26
CA ARG A 111 -7.10 -8.92 12.57
C ARG A 111 -6.78 -7.80 13.57
N ARG A 112 -7.47 -7.79 14.73
CA ARG A 112 -7.26 -6.80 15.78
C ARG A 112 -5.84 -6.84 16.32
N ILE A 113 -5.31 -8.06 16.51
CA ILE A 113 -3.96 -8.28 17.01
C ILE A 113 -2.92 -7.84 15.97
N TRP A 114 -3.19 -8.08 14.68
CA TRP A 114 -2.26 -7.68 13.63
C TRP A 114 -2.14 -6.14 13.57
N ARG A 115 -3.28 -5.45 13.59
CA ARG A 115 -3.31 -3.99 13.54
C ARG A 115 -2.66 -3.41 14.79
N GLN A 116 -2.92 -4.00 15.97
CA GLN A 116 -2.29 -3.57 17.21
C GLN A 116 -0.75 -3.68 17.13
N ALA A 117 -0.24 -4.77 16.54
CA ALA A 117 1.21 -5.02 16.36
C ALA A 117 1.87 -4.08 15.37
N ASN A 118 1.08 -3.53 14.44
CA ASN A 118 1.51 -2.60 13.39
C ASN A 118 1.04 -1.15 13.62
N ASN A 119 0.79 -0.80 14.90
CA ASN A 119 0.40 0.53 15.35
C ASN A 119 -0.83 1.10 14.64
N GLY A 120 -1.83 0.26 14.44
CA GLY A 120 -3.09 0.64 13.80
C GLY A 120 -3.13 0.50 12.30
N ASP A 121 -1.97 0.29 11.67
CA ASP A 121 -1.89 0.16 10.22
C ASP A 121 -2.25 -1.23 9.74
N ASP A 122 -2.87 -1.29 8.57
CA ASP A 122 -3.28 -2.54 7.92
C ASP A 122 -2.08 -3.42 7.55
N ALA A 123 -0.89 -2.79 7.36
CA ALA A 123 0.40 -3.40 7.02
C ALA A 123 0.30 -4.61 6.09
N THR A 124 -0.29 -4.38 4.91
CA THR A 124 -0.41 -5.43 3.91
C THR A 124 0.98 -5.95 3.46
N ALA A 125 2.02 -5.10 3.53
CA ALA A 125 3.40 -5.47 3.20
C ALA A 125 3.88 -6.64 4.06
N GLY A 126 3.40 -6.77 5.27
CA GLY A 126 3.84 -7.87 6.13
C GLY A 126 3.13 -9.15 5.80
N LEU A 127 1.85 -9.05 5.44
CA LEU A 127 1.08 -10.24 5.02
C LEU A 127 1.69 -10.84 3.75
N THR A 128 2.07 -10.00 2.80
CA THR A 128 2.69 -10.43 1.54
C THR A 128 4.01 -11.11 1.81
N HIS A 129 4.79 -10.58 2.76
CA HIS A 129 6.13 -11.13 3.06
C HIS A 129 6.00 -12.57 3.57
N MET A 130 5.01 -12.82 4.42
CA MET A 130 4.77 -14.18 4.95
C MET A 130 4.29 -15.05 3.79
N MET A 131 3.39 -14.54 2.96
CA MET A 131 2.90 -15.29 1.77
C MET A 131 4.08 -15.66 0.88
N ILE A 132 4.99 -14.71 0.67
CA ILE A 132 6.15 -14.99 -0.19
C ILE A 132 7.10 -15.99 0.48
N TRP A 133 7.24 -15.94 1.82
CA TRP A 133 8.03 -16.95 2.53
C TRP A 133 7.36 -18.32 2.35
N HIS A 134 6.04 -18.37 2.43
CA HIS A 134 5.28 -19.62 2.26
C HIS A 134 5.47 -20.19 0.86
N SER A 135 5.52 -19.32 -0.15
CA SER A 135 5.75 -19.74 -1.52
C SER A 135 7.19 -20.30 -1.64
N ASN A 136 8.18 -19.56 -1.12
CA ASN A 136 9.58 -19.98 -1.13
C ASN A 136 9.76 -21.34 -0.45
N LEU A 137 8.99 -21.61 0.60
CA LEU A 137 9.07 -22.88 1.33
C LEU A 137 8.51 -24.02 0.48
N ASN A 138 7.40 -23.78 -0.23
CA ASN A 138 6.85 -24.81 -1.10
C ASN A 138 7.75 -25.05 -2.30
N ASP A 139 8.44 -24.00 -2.81
CA ASP A 139 9.40 -24.15 -3.90
C ASP A 139 10.59 -25.03 -3.44
N ALA A 140 11.03 -24.84 -2.20
CA ALA A 140 12.12 -25.63 -1.64
C ALA A 140 11.68 -27.05 -1.26
N THR A 141 10.37 -27.28 -1.04
CA THR A 141 9.87 -28.57 -0.58
C THR A 141 9.23 -29.50 -1.64
N TYR A 142 8.21 -29.03 -2.39
CA TYR A 142 7.45 -29.88 -3.29
C TYR A 142 7.75 -29.71 -4.77
N GLN A 143 7.50 -30.79 -5.52
CA GLN A 143 7.78 -30.82 -6.97
C GLN A 143 6.52 -30.47 -7.76
N ARG A 144 6.68 -30.03 -9.00
CA ARG A 144 5.53 -29.60 -9.81
C ARG A 144 5.45 -30.27 -11.19
N THR A 145 6.31 -31.27 -11.45
CA THR A 145 6.45 -31.99 -12.73
C THR A 145 5.19 -32.69 -13.19
N ARG A 146 4.31 -33.10 -12.26
CA ARG A 146 3.05 -33.73 -12.62
C ARG A 146 2.11 -32.67 -13.14
N ALA A 147 2.08 -31.48 -12.50
CA ALA A 147 1.23 -30.37 -12.94
C ALA A 147 1.70 -29.77 -14.27
N LEU A 148 2.99 -29.91 -14.61
CA LEU A 148 3.54 -29.47 -15.89
C LEU A 148 3.05 -30.45 -16.99
N VAL A 149 3.14 -31.76 -16.71
CA VAL A 149 2.66 -32.78 -17.63
C VAL A 149 1.12 -32.67 -17.81
N ARG A 150 0.41 -32.31 -16.74
CA ARG A 150 -1.04 -32.13 -16.80
C ARG A 150 -1.44 -30.99 -17.72
N THR A 151 -0.70 -29.88 -17.68
CA THR A 151 -1.01 -28.76 -18.56
C THR A 151 -0.43 -28.93 -19.99
N GLY A 152 0.41 -29.93 -20.21
CA GLY A 152 0.98 -30.20 -21.53
C GLY A 152 2.35 -29.60 -21.76
N MET A 153 3.04 -29.22 -20.68
CA MET A 153 4.36 -28.61 -20.69
C MET A 153 5.46 -29.64 -20.44
N ASP A 154 6.67 -29.28 -20.82
CA ASP A 154 7.85 -30.13 -20.63
C ASP A 154 8.19 -30.23 -19.14
N PRO A 155 8.44 -31.44 -18.61
CA PRO A 155 8.82 -31.57 -17.19
C PRO A 155 10.16 -30.89 -16.86
N ARG A 156 11.04 -30.67 -17.87
CA ARG A 156 12.32 -29.96 -17.71
C ARG A 156 12.16 -28.48 -17.33
N MET A 157 10.92 -27.94 -17.47
CA MET A 157 10.57 -26.56 -17.11
C MET A 157 10.51 -26.34 -15.60
N CYS A 158 10.84 -27.35 -14.78
CA CYS A 158 10.85 -27.32 -13.34
C CYS A 158 11.68 -26.17 -12.81
N SER A 159 12.82 -25.88 -13.46
CA SER A 159 13.72 -24.82 -13.02
C SER A 159 13.20 -23.37 -13.24
N LEU A 160 12.03 -23.23 -13.89
CA LEU A 160 11.45 -21.91 -14.10
C LEU A 160 10.09 -21.79 -13.38
N MET A 161 9.84 -22.62 -12.35
CA MET A 161 8.56 -22.62 -11.66
C MET A 161 8.54 -21.82 -10.36
N GLN A 162 9.23 -20.67 -10.31
CA GLN A 162 9.24 -19.84 -9.11
C GLN A 162 7.84 -19.35 -8.77
N GLY A 163 7.45 -19.46 -7.52
CA GLY A 163 6.15 -19.01 -7.07
C GLY A 163 4.97 -19.72 -7.70
N SER A 164 5.14 -20.98 -8.11
CA SER A 164 4.05 -21.74 -8.72
C SER A 164 2.93 -22.14 -7.75
N THR A 165 3.19 -22.02 -6.43
CA THR A 165 2.23 -22.35 -5.37
C THR A 165 1.46 -21.11 -4.86
N LEU A 166 1.93 -19.89 -5.23
CA LEU A 166 1.31 -18.61 -4.83
C LEU A 166 -0.21 -18.62 -5.08
N PRO A 167 -1.00 -17.88 -4.26
CA PRO A 167 -2.45 -17.92 -4.42
C PRO A 167 -2.98 -17.48 -5.80
N ARG A 168 -4.20 -17.92 -6.11
CA ARG A 168 -4.88 -17.67 -7.37
C ARG A 168 -4.90 -16.20 -7.76
N ARG A 169 -5.20 -15.34 -6.80
CA ARG A 169 -5.32 -13.90 -6.99
C ARG A 169 -4.28 -13.14 -6.15
N SER A 170 -3.01 -13.58 -6.25
CA SER A 170 -1.87 -13.02 -5.51
C SER A 170 -1.58 -11.56 -5.84
N GLY A 171 -1.86 -11.17 -7.07
CA GLY A 171 -1.68 -9.78 -7.48
C GLY A 171 -0.25 -9.36 -7.76
N ALA A 172 0.02 -8.05 -7.54
CA ALA A 172 1.30 -7.38 -7.79
C ALA A 172 2.43 -7.89 -6.92
N ALA A 173 2.11 -8.26 -5.70
CA ALA A 173 3.09 -8.75 -4.76
C ALA A 173 3.62 -10.14 -5.20
N GLY A 174 2.72 -11.00 -5.63
CA GLY A 174 3.11 -12.33 -6.09
C GLY A 174 3.72 -12.31 -7.49
N ALA A 175 3.29 -11.36 -8.32
CA ALA A 175 3.77 -11.21 -9.69
C ALA A 175 5.29 -11.10 -9.80
N ALA A 176 5.93 -10.31 -8.93
CA ALA A 176 7.38 -10.08 -8.93
C ALA A 176 8.21 -11.34 -8.71
N VAL A 177 7.72 -12.26 -7.87
CA VAL A 177 8.48 -13.48 -7.56
C VAL A 177 8.13 -14.66 -8.48
N LYS A 178 7.03 -14.57 -9.27
CA LYS A 178 6.66 -15.65 -10.17
C LYS A 178 7.69 -15.81 -11.29
N GLY A 179 7.96 -17.05 -11.65
CA GLY A 179 8.94 -17.39 -12.67
C GLY A 179 8.31 -17.54 -14.04
N VAL A 180 9.15 -17.58 -15.08
CA VAL A 180 8.69 -17.69 -16.46
C VAL A 180 7.73 -18.87 -16.68
N GLY A 181 8.14 -20.05 -16.22
CA GLY A 181 7.33 -21.27 -16.33
C GLY A 181 6.03 -21.20 -15.56
N THR A 182 6.00 -20.44 -14.46
CA THR A 182 4.78 -20.24 -13.66
C THR A 182 3.80 -19.39 -14.43
N MET A 183 4.28 -18.31 -15.09
CA MET A 183 3.43 -17.46 -15.91
C MET A 183 2.89 -18.26 -17.10
N VAL A 184 3.76 -19.07 -17.74
CA VAL A 184 3.38 -19.89 -18.87
C VAL A 184 2.34 -20.90 -18.45
N MET A 185 2.50 -21.53 -17.27
CA MET A 185 1.53 -22.49 -16.79
C MET A 185 0.16 -21.90 -16.55
N GLU A 186 0.08 -20.68 -15.98
CA GLU A 186 -1.22 -20.06 -15.72
C GLU A 186 -1.86 -19.51 -17.01
N LEU A 187 -1.06 -19.01 -17.96
CA LEU A 187 -1.56 -18.55 -19.26
C LEU A 187 -2.02 -19.73 -20.10
N VAL A 188 -1.37 -20.89 -19.99
CA VAL A 188 -1.75 -22.08 -20.74
C VAL A 188 -2.98 -22.74 -20.11
N ARG A 189 -3.13 -22.65 -18.77
CA ARG A 189 -4.36 -23.13 -18.10
C ARG A 189 -5.55 -22.28 -18.60
N MET A 190 -5.31 -20.97 -18.82
CA MET A 190 -6.23 -19.97 -19.33
C MET A 190 -6.60 -20.24 -20.80
N ILE A 191 -5.62 -20.52 -21.68
CA ILE A 191 -5.86 -20.83 -23.10
C ILE A 191 -6.67 -22.13 -23.22
N LYS A 192 -6.34 -23.15 -22.40
CA LYS A 192 -7.04 -24.44 -22.43
C LYS A 192 -8.50 -24.36 -21.94
N ARG A 193 -8.77 -23.36 -21.10
CA ARG A 193 -10.15 -23.11 -20.62
C ARG A 193 -10.98 -22.51 -21.76
N GLY A 194 -10.37 -21.64 -22.56
CA GLY A 194 -11.03 -21.07 -23.73
C GLY A 194 -11.37 -22.15 -24.73
N ILE A 195 -10.45 -23.11 -24.91
CA ILE A 195 -10.67 -24.15 -25.97
C ILE A 195 -11.93 -24.94 -25.62
N ASN A 196 -12.11 -25.29 -24.34
CA ASN A 196 -13.26 -26.15 -23.97
C ASN A 196 -14.50 -25.32 -23.61
N ASP A 197 -14.40 -24.00 -23.47
CA ASP A 197 -15.66 -23.24 -23.22
C ASP A 197 -15.84 -22.18 -24.31
N ARG A 198 -16.99 -22.20 -24.98
CA ARG A 198 -17.24 -21.25 -26.10
C ARG A 198 -17.27 -19.80 -25.63
N ASN A 199 -17.87 -19.53 -24.47
CA ASN A 199 -18.08 -18.12 -24.03
C ASN A 199 -17.05 -17.68 -22.98
N PHE A 200 -15.85 -18.25 -23.02
CA PHE A 200 -14.81 -17.90 -22.07
C PHE A 200 -14.30 -16.48 -22.28
N TRP A 201 -14.27 -16.01 -23.54
CA TRP A 201 -13.84 -14.66 -23.87
C TRP A 201 -15.03 -13.77 -24.26
N ARG A 202 -16.25 -14.11 -23.80
CA ARG A 202 -17.46 -13.35 -24.15
C ARG A 202 -18.11 -12.69 -22.96
N GLY A 203 -18.82 -11.60 -23.21
CA GLY A 203 -19.57 -10.85 -22.21
C GLY A 203 -18.73 -10.24 -21.09
N GLU A 204 -19.38 -10.01 -19.93
CA GLU A 204 -18.71 -9.41 -18.79
C GLU A 204 -17.69 -10.34 -18.15
N ASN A 205 -17.95 -11.65 -18.17
CA ASN A 205 -17.01 -12.63 -17.64
C ASN A 205 -15.77 -12.68 -18.53
N GLY A 206 -15.97 -12.66 -19.84
CA GLY A 206 -14.89 -12.64 -20.82
C GLY A 206 -14.12 -11.34 -20.87
N ARG A 207 -14.75 -10.22 -20.45
CA ARG A 207 -14.11 -8.90 -20.39
C ARG A 207 -13.17 -8.82 -19.19
N LYS A 208 -13.55 -9.45 -18.07
CA LYS A 208 -12.73 -9.57 -16.86
C LYS A 208 -11.58 -10.52 -17.17
N THR A 209 -11.88 -11.65 -17.82
CA THR A 209 -10.93 -12.68 -18.25
C THR A 209 -9.88 -12.08 -19.19
N ARG A 210 -10.32 -11.18 -20.09
CA ARG A 210 -9.48 -10.47 -21.05
C ARG A 210 -8.44 -9.56 -20.36
N ILE A 211 -8.84 -8.84 -19.30
CA ILE A 211 -7.95 -7.97 -18.53
C ILE A 211 -6.92 -8.83 -17.79
N ALA A 212 -7.37 -9.95 -17.19
CA ALA A 212 -6.50 -10.88 -16.50
C ALA A 212 -5.47 -11.47 -17.46
N TYR A 213 -5.89 -11.81 -18.68
CA TYR A 213 -5.02 -12.36 -19.72
C TYR A 213 -3.94 -11.36 -20.11
N GLU A 214 -4.33 -10.09 -20.38
CA GLU A 214 -3.40 -9.05 -20.79
C GLU A 214 -2.47 -8.60 -19.66
N ARG A 215 -2.90 -8.75 -18.39
CA ARG A 215 -2.10 -8.41 -17.21
C ARG A 215 -1.00 -9.47 -17.08
N MET A 216 -1.38 -10.75 -17.19
CA MET A 216 -0.44 -11.87 -17.13
C MET A 216 0.56 -11.80 -18.29
N CYS A 217 0.08 -11.40 -19.47
CA CYS A 217 0.94 -11.27 -20.65
C CYS A 217 1.95 -10.13 -20.50
N ASN A 218 1.52 -8.98 -19.97
CA ASN A 218 2.42 -7.85 -19.75
C ASN A 218 3.40 -8.13 -18.60
N ILE A 219 2.99 -8.94 -17.61
CA ILE A 219 3.85 -9.32 -16.49
C ILE A 219 4.98 -10.21 -17.04
N LEU A 220 4.62 -11.24 -17.81
CA LEU A 220 5.60 -12.15 -18.42
C LEU A 220 6.51 -11.40 -19.40
N LYS A 221 5.95 -10.44 -20.15
CA LYS A 221 6.67 -9.57 -21.11
C LYS A 221 7.79 -8.80 -20.40
N GLY A 222 7.47 -8.28 -19.22
CA GLY A 222 8.41 -7.52 -18.40
C GLY A 222 9.55 -8.34 -17.85
N LYS A 223 9.33 -9.65 -17.66
CA LYS A 223 10.36 -10.56 -17.17
C LYS A 223 11.42 -10.86 -18.24
N PHE A 224 11.07 -10.78 -19.53
CA PHE A 224 12.04 -11.01 -20.60
C PHE A 224 13.00 -9.85 -20.76
N GLN A 225 14.28 -10.15 -20.92
CA GLN A 225 15.30 -9.07 -21.03
C GLN A 225 15.77 -8.87 -22.49
N THR A 226 15.32 -9.71 -23.45
CA THR A 226 15.66 -9.48 -24.86
C THR A 226 14.51 -8.77 -25.59
N ALA A 227 14.83 -8.09 -26.69
CA ALA A 227 13.81 -7.36 -27.45
C ALA A 227 12.92 -8.31 -28.25
N ALA A 228 13.45 -9.48 -28.69
CA ALA A 228 12.70 -10.45 -29.47
C ALA A 228 11.70 -11.25 -28.64
N GLN A 229 12.07 -11.62 -27.40
CA GLN A 229 11.18 -12.36 -26.50
C GLN A 229 9.99 -11.48 -26.09
N LYS A 230 10.25 -10.19 -25.85
CA LYS A 230 9.22 -9.20 -25.49
C LYS A 230 8.30 -8.95 -26.67
N ALA A 231 8.85 -8.91 -27.90
CA ALA A 231 8.07 -8.72 -29.12
C ALA A 231 7.17 -9.92 -29.35
N MET A 232 7.67 -11.13 -29.09
CA MET A 232 6.89 -12.34 -29.23
C MET A 232 5.72 -12.38 -28.24
N MET A 233 5.89 -11.78 -27.05
CA MET A 233 4.83 -11.70 -26.05
C MET A 233 3.70 -10.79 -26.51
N ASP A 234 4.03 -9.70 -27.22
CA ASP A 234 3.03 -8.77 -27.75
C ASP A 234 2.07 -9.48 -28.71
N GLN A 235 2.57 -10.44 -29.49
CA GLN A 235 1.74 -11.19 -30.44
C GLN A 235 0.80 -12.16 -29.74
N VAL A 236 1.23 -12.78 -28.64
CA VAL A 236 0.38 -13.69 -27.88
C VAL A 236 -0.75 -12.90 -27.21
N ARG A 237 -0.42 -11.71 -26.69
CA ARG A 237 -1.33 -10.81 -26.02
C ARG A 237 -2.33 -10.16 -26.99
N GLU A 238 -1.93 -9.91 -28.24
CA GLU A 238 -2.83 -9.29 -29.21
C GLU A 238 -3.93 -10.24 -29.73
N SER A 239 -3.77 -11.56 -29.52
CA SER A 239 -4.74 -12.57 -29.95
C SER A 239 -6.03 -12.45 -29.14
N ARG A 240 -7.16 -12.08 -29.78
CA ARG A 240 -8.45 -11.95 -29.08
C ARG A 240 -9.07 -13.31 -28.72
N ASN A 241 -8.78 -14.35 -29.52
CA ASN A 241 -9.25 -15.70 -29.24
C ASN A 241 -8.07 -16.68 -29.36
N PRO A 242 -7.27 -16.81 -28.29
CA PRO A 242 -6.09 -17.67 -28.36
C PRO A 242 -6.37 -19.16 -28.46
N GLY A 243 -5.92 -19.77 -29.55
CA GLY A 243 -6.09 -21.19 -29.78
C GLY A 243 -4.80 -21.94 -29.54
N ASN A 244 -4.54 -23.01 -30.32
CA ASN A 244 -3.32 -23.81 -30.19
C ASN A 244 -2.06 -23.04 -30.64
N ALA A 245 -2.22 -22.04 -31.54
CA ALA A 245 -1.13 -21.20 -32.04
C ALA A 245 -0.50 -20.40 -30.91
N GLU A 246 -1.33 -19.87 -29.99
CA GLU A 246 -0.83 -19.13 -28.85
C GLU A 246 -0.14 -20.03 -27.82
N PHE A 247 -0.51 -21.32 -27.75
CA PHE A 247 0.11 -22.29 -26.84
C PHE A 247 1.49 -22.70 -27.37
N GLU A 248 1.60 -22.95 -28.67
CA GLU A 248 2.87 -23.34 -29.30
C GLU A 248 3.90 -22.23 -29.15
N ASP A 249 3.47 -20.95 -29.19
CA ASP A 249 4.35 -19.81 -29.03
C ASP A 249 4.74 -19.61 -27.55
N LEU A 250 3.82 -19.88 -26.61
CA LEU A 250 4.12 -19.73 -25.18
C LEU A 250 5.16 -20.76 -24.75
N THR A 251 4.97 -22.01 -25.20
CA THR A 251 5.82 -23.16 -24.93
C THR A 251 7.20 -22.95 -25.54
N PHE A 252 7.27 -22.55 -26.82
CA PHE A 252 8.54 -22.29 -27.49
C PHE A 252 9.32 -21.11 -26.86
N LEU A 253 8.62 -20.24 -26.12
CA LEU A 253 9.26 -19.15 -25.40
C LEU A 253 9.70 -19.61 -24.02
N ALA A 254 8.92 -20.49 -23.39
CA ALA A 254 9.25 -21.08 -22.10
C ALA A 254 10.55 -21.88 -22.23
N ARG A 255 10.70 -22.65 -23.33
CA ARG A 255 11.90 -23.44 -23.58
C ARG A 255 13.13 -22.58 -23.72
N SER A 256 12.99 -21.42 -24.37
CA SER A 256 14.08 -20.47 -24.60
C SER A 256 14.61 -19.85 -23.32
N ALA A 257 13.77 -19.78 -22.28
CA ALA A 257 14.15 -19.24 -20.98
C ALA A 257 15.08 -20.18 -20.23
N LEU A 258 15.01 -21.51 -20.50
CA LEU A 258 15.89 -22.49 -19.88
C LEU A 258 17.39 -22.30 -20.26
N ILE A 259 17.67 -21.41 -21.26
CA ILE A 259 18.99 -21.07 -21.75
C ILE A 259 19.20 -19.53 -21.66
N LEU A 260 18.38 -18.74 -22.37
CA LEU A 260 18.46 -17.28 -22.34
C LEU A 260 17.64 -16.79 -21.14
N ARG A 261 18.30 -16.61 -19.98
CA ARG A 261 17.75 -16.20 -18.68
C ARG A 261 16.78 -15.01 -18.67
N GLY A 262 15.88 -15.01 -17.69
CA GLY A 262 14.93 -13.93 -17.48
C GLY A 262 15.12 -13.23 -16.15
N SER A 263 14.40 -12.10 -15.94
CA SER A 263 14.52 -11.30 -14.72
C SER A 263 13.44 -11.74 -13.72
N VAL A 264 13.83 -12.64 -12.82
CA VAL A 264 12.92 -13.16 -11.79
C VAL A 264 13.43 -12.70 -10.44
N ALA A 265 12.54 -12.13 -9.62
CA ALA A 265 12.94 -11.67 -8.30
C ALA A 265 12.83 -12.78 -7.26
N HIS A 266 13.84 -12.86 -6.40
CA HIS A 266 13.90 -13.82 -5.32
C HIS A 266 14.03 -13.00 -4.05
N LYS A 267 13.11 -13.18 -3.09
CA LYS A 267 13.13 -12.40 -1.86
C LYS A 267 13.33 -13.26 -0.64
N SER A 268 14.42 -13.06 0.08
CA SER A 268 14.68 -13.81 1.30
C SER A 268 13.74 -13.34 2.40
N CYS A 269 12.62 -14.07 2.57
CA CYS A 269 11.64 -13.76 3.59
C CYS A 269 11.77 -14.84 4.63
N LEU A 270 12.09 -14.47 5.87
CA LEU A 270 12.28 -15.43 6.94
C LEU A 270 10.96 -15.68 7.70
N PRO A 271 10.80 -16.84 8.35
CA PRO A 271 9.58 -17.06 9.13
C PRO A 271 9.43 -16.06 10.28
N ALA A 272 8.19 -15.85 10.74
CA ALA A 272 7.88 -14.92 11.83
C ALA A 272 8.57 -15.32 13.12
N CYS A 273 8.88 -16.61 13.33
CA CYS A 273 9.60 -17.05 14.52
C CYS A 273 11.11 -16.68 14.48
N VAL A 274 11.53 -15.89 13.47
CA VAL A 274 12.90 -15.38 13.32
C VAL A 274 12.88 -13.89 13.67
N TYR A 275 11.86 -13.17 13.16
CA TYR A 275 11.65 -11.75 13.46
C TYR A 275 11.12 -11.59 14.89
N GLY A 276 10.28 -12.53 15.34
CA GLY A 276 9.71 -12.58 16.68
C GLY A 276 10.77 -12.43 17.76
N PRO A 277 11.61 -13.45 17.94
CA PRO A 277 12.72 -13.34 18.91
C PRO A 277 13.69 -12.16 18.72
N ALA A 278 13.88 -11.69 17.47
CA ALA A 278 14.75 -10.55 17.18
C ALA A 278 14.12 -9.26 17.74
N VAL A 279 12.80 -9.12 17.58
CA VAL A 279 12.11 -7.97 18.12
C VAL A 279 12.06 -8.11 19.63
N ALA A 280 11.77 -9.31 20.15
CA ALA A 280 11.70 -9.55 21.59
C ALA A 280 12.96 -9.15 22.34
N SER A 281 14.11 -9.18 21.67
CA SER A 281 15.37 -8.81 22.30
C SER A 281 15.78 -7.34 22.13
N GLY A 282 14.84 -6.51 21.69
CA GLY A 282 15.02 -5.06 21.58
C GLY A 282 15.51 -4.50 20.26
N TYR A 283 15.62 -5.33 19.22
CA TYR A 283 16.09 -4.86 17.93
C TYR A 283 15.10 -3.93 17.25
N ASP A 284 15.51 -2.68 16.99
CA ASP A 284 14.63 -1.71 16.35
C ASP A 284 14.81 -1.77 14.83
N PHE A 285 13.99 -2.59 14.15
CA PHE A 285 14.05 -2.70 12.69
C PHE A 285 13.76 -1.39 11.97
N GLU A 286 12.85 -0.56 12.51
CA GLU A 286 12.51 0.70 11.85
C GLU A 286 13.66 1.69 11.93
N ARG A 287 14.29 1.80 13.10
CA ARG A 287 15.40 2.73 13.29
C ARG A 287 16.66 2.24 12.57
N GLU A 288 17.06 0.98 12.80
CA GLU A 288 18.25 0.37 12.20
C GLU A 288 18.15 0.22 10.70
N GLY A 289 16.95 -0.11 10.23
CA GLY A 289 16.67 -0.35 8.82
C GLY A 289 16.74 -1.82 8.47
N TYR A 290 16.17 -2.19 7.33
CA TYR A 290 16.20 -3.58 6.88
C TYR A 290 16.08 -3.68 5.37
N SER A 291 16.89 -4.53 4.76
CA SER A 291 16.87 -4.73 3.33
C SER A 291 16.95 -6.21 3.06
N LEU A 292 16.05 -6.74 2.23
CA LEU A 292 16.08 -8.17 1.87
C LEU A 292 17.33 -8.52 1.03
N VAL A 293 17.99 -7.52 0.43
CA VAL A 293 19.20 -7.73 -0.38
C VAL A 293 20.44 -7.45 0.46
N GLY A 294 21.34 -8.41 0.52
CA GLY A 294 22.59 -8.25 1.24
C GLY A 294 22.69 -9.03 2.54
N ILE A 295 23.37 -8.43 3.52
CA ILE A 295 23.68 -9.06 4.79
C ILE A 295 22.52 -9.14 5.78
N ASP A 296 21.54 -8.23 5.73
CA ASP A 296 20.45 -8.22 6.71
C ASP A 296 19.79 -9.61 6.98
N PRO A 297 19.32 -10.39 5.97
CA PRO A 297 18.76 -11.72 6.29
C PRO A 297 19.82 -12.73 6.77
N PHE A 298 21.07 -12.60 6.29
CA PHE A 298 22.17 -13.48 6.67
C PHE A 298 22.58 -13.27 8.12
N ARG A 299 22.65 -12.00 8.57
CA ARG A 299 23.04 -11.64 9.93
C ARG A 299 21.95 -12.08 10.89
N LEU A 300 20.70 -11.80 10.54
CA LEU A 300 19.57 -12.19 11.37
C LEU A 300 19.51 -13.72 11.56
N LEU A 301 19.82 -14.51 10.52
CA LEU A 301 19.84 -15.96 10.63
C LEU A 301 21.00 -16.48 11.50
N GLN A 302 22.12 -15.74 11.59
CA GLN A 302 23.22 -16.16 12.48
C GLN A 302 22.84 -15.94 13.94
N ASN A 303 22.01 -14.94 14.23
CA ASN A 303 21.56 -14.65 15.59
C ASN A 303 20.17 -15.24 15.88
N SER A 304 19.83 -16.35 15.23
CA SER A 304 18.53 -16.96 15.42
C SER A 304 18.61 -18.41 15.83
N GLN A 305 17.55 -18.89 16.46
CA GLN A 305 17.46 -20.27 16.87
C GLN A 305 16.08 -20.78 16.51
N VAL A 306 16.00 -21.62 15.47
CA VAL A 306 14.73 -22.17 15.01
C VAL A 306 14.75 -23.67 15.19
N TYR A 307 13.64 -24.25 15.63
CA TYR A 307 13.51 -25.69 15.81
C TYR A 307 12.47 -26.24 14.83
N SER A 308 12.50 -27.54 14.60
CA SER A 308 11.54 -28.18 13.72
C SER A 308 11.23 -29.58 14.18
N LEU A 309 10.01 -30.03 13.93
CA LEU A 309 9.63 -31.39 14.26
C LEU A 309 10.27 -32.29 13.21
N ILE A 310 10.84 -33.39 13.65
CA ILE A 310 11.50 -34.31 12.75
C ILE A 310 10.78 -35.66 12.81
N ARG A 311 10.57 -36.27 11.63
CA ARG A 311 9.92 -37.58 11.50
C ARG A 311 10.99 -38.66 11.66
N PRO A 312 10.62 -39.89 12.05
CA PRO A 312 11.64 -40.96 12.17
C PRO A 312 12.29 -41.26 10.81
N ASN A 313 13.57 -41.65 10.85
CA ASN A 313 14.36 -41.94 9.65
C ASN A 313 14.69 -40.68 8.80
N GLU A 314 14.33 -39.47 9.26
CA GLU A 314 14.65 -38.22 8.54
C GLU A 314 15.99 -37.68 9.02
N ASN A 315 16.81 -37.17 8.09
CA ASN A 315 18.12 -36.62 8.42
C ASN A 315 17.99 -35.14 8.73
N PRO A 316 18.26 -34.75 10.00
CA PRO A 316 18.11 -33.33 10.38
C PRO A 316 18.91 -32.33 9.56
N ALA A 317 20.10 -32.72 9.06
CA ALA A 317 20.90 -31.82 8.22
C ALA A 317 20.18 -31.47 6.92
N HIS A 318 19.42 -32.45 6.37
CA HIS A 318 18.65 -32.27 5.15
C HIS A 318 17.40 -31.45 5.40
N LYS A 319 16.77 -31.63 6.57
CA LYS A 319 15.62 -30.81 6.93
C LYS A 319 16.07 -29.36 7.13
N SER A 320 17.27 -29.16 7.72
CA SER A 320 17.85 -27.83 7.90
C SER A 320 18.11 -27.17 6.54
N GLN A 321 18.58 -27.96 5.54
CA GLN A 321 18.87 -27.47 4.19
C GLN A 321 17.61 -26.99 3.47
N LEU A 322 16.49 -27.71 3.65
CA LEU A 322 15.20 -27.33 3.09
C LEU A 322 14.82 -25.94 3.54
N VAL A 323 14.91 -25.69 4.86
CA VAL A 323 14.57 -24.41 5.47
C VAL A 323 15.57 -23.33 5.15
N TRP A 324 16.88 -23.65 5.10
CA TRP A 324 17.89 -22.67 4.74
C TRP A 324 17.67 -22.18 3.31
N MET A 325 17.30 -23.09 2.40
CA MET A 325 17.04 -22.71 1.02
C MET A 325 15.74 -21.95 0.86
N ALA A 326 14.74 -22.25 1.68
CA ALA A 326 13.47 -21.58 1.63
C ALA A 326 13.63 -20.16 2.20
N CYS A 327 14.38 -20.01 3.29
CA CYS A 327 14.70 -18.73 3.92
C CYS A 327 15.41 -17.81 2.94
N HIS A 328 16.29 -18.38 2.10
CA HIS A 328 17.13 -17.68 1.15
C HIS A 328 16.61 -17.57 -0.27
N SER A 329 15.40 -18.10 -0.56
CA SER A 329 14.80 -18.14 -1.92
C SER A 329 15.79 -18.77 -2.92
N ALA A 330 16.46 -19.86 -2.48
CA ALA A 330 17.55 -20.51 -3.18
C ALA A 330 17.20 -21.82 -3.88
N ALA A 331 15.91 -22.21 -3.94
CA ALA A 331 15.55 -23.45 -4.63
C ALA A 331 15.94 -23.41 -6.11
N PHE A 332 15.86 -22.23 -6.73
CA PHE A 332 16.16 -22.12 -8.16
C PHE A 332 17.58 -21.59 -8.48
N GLU A 333 18.45 -21.49 -7.46
CA GLU A 333 19.84 -21.03 -7.66
C GLU A 333 20.79 -22.20 -8.00
N ASP A 334 22.00 -21.90 -8.50
CA ASP A 334 22.99 -22.94 -8.81
C ASP A 334 23.47 -23.50 -7.47
N LEU A 335 23.45 -24.84 -7.32
CA LEU A 335 23.88 -25.51 -6.10
C LEU A 335 25.36 -25.35 -5.81
N ARG A 336 26.19 -25.12 -6.84
CA ARG A 336 27.61 -24.90 -6.64
C ARG A 336 27.87 -23.52 -6.01
N VAL A 337 26.96 -22.56 -6.24
CA VAL A 337 27.02 -21.22 -5.64
C VAL A 337 26.59 -21.33 -4.18
N LEU A 338 25.46 -22.02 -3.91
CA LEU A 338 24.97 -22.20 -2.56
C LEU A 338 25.97 -22.96 -1.69
N SER A 339 26.61 -24.02 -2.22
CA SER A 339 27.60 -24.78 -1.44
C SER A 339 28.79 -23.89 -1.01
N PHE A 340 29.11 -22.84 -1.80
CA PHE A 340 30.19 -21.95 -1.47
C PHE A 340 29.78 -20.96 -0.39
N ILE A 341 28.55 -20.44 -0.48
CA ILE A 341 28.03 -19.48 0.51
C ILE A 341 27.74 -20.17 1.86
N LYS A 342 26.99 -21.29 1.86
CA LYS A 342 26.66 -21.96 3.12
C LYS A 342 27.86 -22.62 3.79
N GLY A 343 28.89 -22.98 3.01
CA GLY A 343 30.06 -23.63 3.57
C GLY A 343 29.93 -25.13 3.53
N THR A 344 28.69 -25.65 3.57
CA THR A 344 28.43 -27.08 3.46
C THR A 344 27.88 -27.41 2.08
N LYS A 345 27.98 -28.68 1.68
CA LYS A 345 27.46 -29.11 0.39
C LYS A 345 25.93 -29.02 0.41
N VAL A 346 25.37 -28.38 -0.61
CA VAL A 346 23.93 -28.22 -0.77
C VAL A 346 23.52 -29.22 -1.85
N LEU A 347 22.95 -30.34 -1.41
CA LEU A 347 22.59 -31.47 -2.26
C LEU A 347 21.33 -31.22 -3.07
N PRO A 348 21.17 -31.86 -4.25
CA PRO A 348 19.88 -31.78 -4.94
C PRO A 348 18.77 -32.39 -4.08
N ARG A 349 17.52 -31.96 -4.26
CA ARG A 349 16.37 -32.47 -3.50
C ARG A 349 16.28 -34.01 -3.54
N GLY A 350 16.74 -34.60 -4.64
CA GLY A 350 16.74 -36.04 -4.83
C GLY A 350 17.67 -36.80 -3.91
N LYS A 351 18.60 -36.10 -3.26
CA LYS A 351 19.56 -36.70 -2.32
C LYS A 351 19.24 -36.37 -0.85
N LEU A 352 18.13 -35.68 -0.56
CA LEU A 352 17.76 -35.30 0.80
C LEU A 352 16.85 -36.32 1.43
N SER A 353 17.25 -36.82 2.60
CA SER A 353 16.46 -37.83 3.34
C SER A 353 15.44 -37.06 4.19
N THR A 354 14.63 -36.23 3.54
CA THR A 354 13.70 -35.39 4.29
C THR A 354 12.39 -35.24 3.57
N ARG A 355 11.35 -34.86 4.31
CA ARG A 355 10.01 -34.61 3.75
C ARG A 355 9.66 -33.21 4.29
N GLY A 356 8.60 -32.59 3.80
CA GLY A 356 8.31 -31.18 4.13
C GLY A 356 8.08 -30.88 5.58
N VAL A 357 8.40 -29.65 5.99
CA VAL A 357 8.31 -29.21 7.42
C VAL A 357 6.88 -29.30 7.95
N GLN A 358 5.90 -28.94 7.14
CA GLN A 358 4.49 -29.09 7.56
C GLN A 358 4.19 -30.57 7.86
N ILE A 359 3.51 -30.83 8.97
CA ILE A 359 3.06 -32.16 9.37
C ILE A 359 1.63 -32.39 8.89
N ALA A 360 1.34 -33.58 8.38
CA ALA A 360 0.01 -33.93 7.91
C ALA A 360 -0.94 -34.30 9.05
N SER A 361 -2.22 -33.97 8.88
CA SER A 361 -3.28 -34.20 9.86
C SER A 361 -3.40 -35.64 10.34
N ASN A 362 -2.84 -36.60 9.59
CA ASN A 362 -2.93 -38.01 9.96
C ASN A 362 -1.64 -38.60 10.54
N GLU A 363 -0.58 -37.78 10.69
CA GLU A 363 0.69 -38.28 11.20
C GLU A 363 0.67 -38.64 12.68
N ASN A 364 1.44 -39.68 13.04
CA ASN A 364 1.50 -40.12 14.42
C ASN A 364 2.40 -39.18 15.21
N MET A 365 1.84 -38.53 16.23
CA MET A 365 2.62 -37.61 17.04
C MET A 365 3.52 -38.31 18.05
N GLU A 366 3.23 -39.58 18.39
CA GLU A 366 4.05 -40.30 19.37
C GLU A 366 5.45 -40.59 18.85
N THR A 367 5.59 -40.82 17.54
CA THR A 367 6.92 -41.05 16.92
C THR A 367 7.66 -39.75 16.67
N MET A 368 6.96 -38.61 16.68
CA MET A 368 7.51 -37.30 16.39
C MET A 368 8.50 -36.81 17.40
N GLU A 369 9.69 -36.48 16.95
CA GLU A 369 10.75 -35.91 17.77
C GLU A 369 11.00 -34.46 17.23
N SER A 370 12.02 -33.75 17.73
CA SER A 370 12.36 -32.42 17.21
C SER A 370 13.87 -32.23 17.04
N SER A 371 14.29 -31.28 16.18
CA SER A 371 15.69 -31.00 15.91
C SER A 371 15.95 -29.49 15.82
N THR A 372 17.18 -29.07 16.13
CA THR A 372 17.55 -27.66 16.03
C THR A 372 17.97 -27.45 14.60
N LEU A 373 17.32 -26.51 13.90
CA LEU A 373 17.69 -26.23 12.53
C LEU A 373 19.00 -25.46 12.48
N GLU A 374 19.89 -25.89 11.58
CA GLU A 374 21.18 -25.24 11.38
C GLU A 374 21.02 -24.33 10.13
N LEU A 375 20.68 -23.05 10.36
CA LEU A 375 20.41 -22.12 9.28
C LEU A 375 21.46 -21.05 9.06
N ARG A 376 22.66 -21.23 9.60
CA ARG A 376 23.74 -20.27 9.40
C ARG A 376 24.51 -20.56 8.11
N SER A 377 25.24 -19.58 7.60
CA SER A 377 26.07 -19.75 6.41
C SER A 377 27.48 -19.15 6.65
N ARG A 378 28.51 -19.68 5.96
CA ARG A 378 29.91 -19.27 6.08
C ARG A 378 30.10 -17.84 5.60
N TYR A 379 29.51 -17.52 4.45
CA TYR A 379 29.59 -16.21 3.84
C TYR A 379 28.20 -15.60 3.59
N TRP A 380 28.18 -14.37 3.11
CA TRP A 380 26.98 -13.68 2.67
C TRP A 380 27.25 -13.08 1.28
N ALA A 381 26.20 -12.85 0.50
CA ALA A 381 26.35 -12.34 -0.87
C ALA A 381 25.14 -11.51 -1.31
N ILE A 382 25.27 -10.73 -2.39
CA ILE A 382 24.18 -9.88 -2.86
C ILE A 382 23.56 -10.46 -4.13
N ARG A 383 22.22 -10.57 -4.18
CA ARG A 383 21.58 -11.06 -5.40
C ARG A 383 21.08 -9.83 -6.18
N THR A 384 21.40 -9.76 -7.47
CA THR A 384 21.02 -8.61 -8.32
C THR A 384 19.89 -8.99 -9.33
N ARG A 385 18.61 -8.86 -8.93
CA ARG A 385 17.49 -9.23 -9.83
C ARG A 385 16.22 -8.41 -9.57
N ASP A 433 7.71 -17.82 -37.87
CA ASP A 433 7.88 -16.40 -37.55
C ASP A 433 9.37 -16.01 -37.53
N MET A 434 9.67 -14.73 -37.84
CA MET A 434 11.03 -14.21 -37.81
C MET A 434 11.53 -14.04 -36.36
N ARG A 435 10.61 -13.75 -35.43
CA ARG A 435 10.95 -13.58 -34.02
C ARG A 435 11.50 -14.89 -33.46
N THR A 436 10.93 -16.04 -33.85
CA THR A 436 11.38 -17.36 -33.39
C THR A 436 12.76 -17.74 -33.94
N GLU A 437 13.13 -17.20 -35.11
CA GLU A 437 14.44 -17.45 -35.72
C GLU A 437 15.51 -16.69 -34.94
N ILE A 438 15.22 -15.43 -34.55
CA ILE A 438 16.15 -14.59 -33.80
C ILE A 438 16.47 -15.17 -32.42
N ILE A 439 15.44 -15.60 -31.67
CA ILE A 439 15.67 -16.19 -30.35
C ILE A 439 16.35 -17.55 -30.44
N ARG A 440 16.08 -18.31 -31.51
CA ARG A 440 16.71 -19.61 -31.69
C ARG A 440 18.20 -19.43 -31.93
N MET A 441 18.59 -18.42 -32.72
CA MET A 441 20.00 -18.15 -33.00
C MET A 441 20.73 -17.56 -31.79
N MET A 442 20.01 -16.84 -30.92
CA MET A 442 20.55 -16.23 -29.71
C MET A 442 20.98 -17.24 -28.65
N GLU A 443 20.40 -18.46 -28.69
CA GLU A 443 20.73 -19.52 -27.76
C GLU A 443 22.06 -20.22 -28.07
N SER A 444 22.54 -20.09 -29.33
CA SER A 444 23.80 -20.68 -29.78
C SER A 444 25.05 -19.93 -29.25
N ALA A 445 24.87 -18.75 -28.64
CA ALA A 445 25.95 -18.02 -28.01
C ALA A 445 26.19 -18.61 -26.61
N ARG A 446 25.10 -18.88 -25.86
CA ARG A 446 25.09 -19.51 -24.53
C ARG A 446 26.09 -18.88 -23.54
N ASP A 449 28.30 -23.38 -17.61
CA ASP A 449 29.40 -22.92 -16.72
C ASP A 449 28.82 -22.13 -15.55
N VAL A 450 29.33 -22.34 -14.34
CA VAL A 450 28.70 -21.67 -13.15
C VAL A 450 28.84 -20.15 -13.32
N SER A 451 27.78 -19.41 -13.07
CA SER A 451 27.97 -17.96 -13.15
C SER A 451 27.53 -17.26 -11.86
N PHE A 452 28.41 -16.46 -11.30
CA PHE A 452 28.01 -15.60 -10.17
C PHE A 452 28.29 -14.25 -10.79
N GLN A 453 27.32 -13.35 -10.77
CA GLN A 453 27.67 -12.00 -11.29
C GLN A 453 27.84 -11.16 -10.04
N GLY A 454 29.03 -10.59 -9.85
CA GLY A 454 29.22 -9.86 -8.59
C GLY A 454 30.66 -9.81 -8.14
N ARG A 455 30.92 -8.97 -7.15
CA ARG A 455 32.28 -8.75 -6.67
C ARG A 455 32.87 -9.98 -5.96
N GLY A 456 32.01 -10.77 -5.34
CA GLY A 456 32.40 -11.99 -4.62
C GLY A 456 31.55 -12.22 -3.40
N VAL A 457 32.01 -13.09 -2.50
CA VAL A 457 31.29 -13.34 -1.24
C VAL A 457 31.99 -12.59 -0.10
N PHE A 458 31.32 -12.44 1.06
CA PHE A 458 31.92 -11.70 2.17
C PHE A 458 31.70 -12.44 3.47
N GLU A 459 32.59 -12.22 4.43
CA GLU A 459 32.42 -12.80 5.76
C GLU A 459 31.43 -11.94 6.55
N LEU A 460 30.81 -12.53 7.57
CA LEU A 460 29.79 -11.85 8.37
C LEU A 460 30.36 -10.67 9.19
N SER A 461 31.66 -10.69 9.49
CA SER A 461 32.36 -9.61 10.21
C SER A 461 32.50 -8.37 9.31
N ASP A 462 32.68 -8.57 7.99
CA ASP A 462 32.77 -7.50 7.02
C ASP A 462 31.33 -7.16 6.61
N GLU A 463 30.76 -6.12 7.24
CA GLU A 463 29.39 -5.72 6.95
C GLU A 463 29.29 -4.63 5.86
N LYS A 464 30.39 -3.93 5.57
CA LYS A 464 30.45 -2.89 4.54
C LYS A 464 30.84 -3.42 3.15
N ALA A 465 31.06 -4.74 3.00
CA ALA A 465 31.45 -5.40 1.75
C ALA A 465 32.73 -4.83 1.14
N ALA A 466 33.66 -4.37 1.99
CA ALA A 466 34.92 -3.78 1.57
C ALA A 466 36.02 -4.81 1.25
N SER A 467 35.81 -6.10 1.59
CA SER A 467 36.81 -7.14 1.32
C SER A 467 36.17 -8.35 0.62
N PRO A 468 36.06 -8.30 -0.71
CA PRO A 468 35.43 -9.42 -1.44
C PRO A 468 36.29 -10.66 -1.58
N ILE A 469 35.67 -11.83 -1.36
CA ILE A 469 36.32 -13.13 -1.48
C ILE A 469 35.91 -13.75 -2.81
N VAL A 470 36.90 -14.04 -3.67
CA VAL A 470 36.60 -14.64 -4.97
C VAL A 470 36.26 -16.12 -4.80
N PRO A 471 35.13 -16.58 -5.41
CA PRO A 471 34.61 -17.94 -5.17
C PRO A 471 35.16 -19.06 -6.04
N SER A 472 35.24 -20.25 -5.46
CA SER A 472 35.72 -21.45 -6.18
C SER A 472 34.59 -22.48 -6.17
N PHE A 473 34.29 -23.06 -7.33
CA PHE A 473 33.22 -24.07 -7.43
C PHE A 473 33.72 -25.23 -8.23
N ASP A 474 33.18 -26.43 -7.98
CA ASP A 474 33.52 -27.56 -8.86
C ASP A 474 32.45 -27.55 -9.94
N MET A 475 32.77 -27.14 -11.15
CA MET A 475 31.77 -27.05 -12.25
C MET A 475 31.30 -28.48 -12.54
N SER A 476 32.15 -29.46 -12.22
CA SER A 476 31.77 -30.87 -12.34
C SER A 476 30.60 -31.21 -11.42
N ASN A 477 30.56 -30.65 -10.21
CA ASN A 477 29.52 -30.97 -9.18
C ASN A 477 28.15 -30.44 -9.62
N GLU A 478 27.06 -31.03 -9.13
CA GLU A 478 25.70 -30.67 -9.60
C GLU A 478 25.32 -29.18 -9.40
N GLY A 479 24.61 -28.62 -10.37
CA GLY A 479 24.14 -27.25 -10.29
C GLY A 479 22.63 -27.12 -10.19
N SER A 480 21.89 -28.21 -10.46
CA SER A 480 20.43 -28.17 -10.38
C SER A 480 19.84 -28.92 -9.20
N TYR A 481 19.03 -28.22 -8.42
CA TYR A 481 18.31 -28.75 -7.26
C TYR A 481 17.29 -29.85 -7.68
N PHE A 482 16.78 -29.73 -8.92
CA PHE A 482 15.75 -30.59 -9.50
C PHE A 482 16.28 -31.77 -10.31
N PHE A 483 17.59 -32.02 -10.29
CA PHE A 483 18.14 -33.17 -11.00
C PHE A 483 17.94 -34.40 -10.10
N GLY A 484 17.29 -35.43 -10.62
CA GLY A 484 17.00 -36.62 -9.83
C GLY A 484 15.94 -36.41 -8.74
N ASP A 485 15.12 -35.39 -8.93
CA ASP A 485 14.08 -35.02 -8.00
C ASP A 485 13.10 -36.14 -7.67
N ASN A 486 12.99 -36.45 -6.38
CA ASN A 486 12.05 -37.45 -5.87
C ASN A 486 11.10 -36.90 -4.80
N ALA A 487 11.00 -35.57 -4.68
CA ALA A 487 10.15 -34.88 -3.71
C ALA A 487 8.68 -35.14 -3.98
N GLU A 488 7.83 -34.95 -2.95
CA GLU A 488 6.39 -35.14 -3.10
C GLU A 488 5.82 -34.10 -4.07
N GLU A 489 4.78 -34.46 -4.80
CA GLU A 489 4.13 -33.54 -5.72
C GLU A 489 3.15 -32.65 -4.90
N TYR A 490 3.13 -31.34 -5.20
CA TYR A 490 2.29 -30.37 -4.50
C TYR A 490 0.79 -30.58 -4.81
N ASP A 491 -0.06 -30.49 -3.75
CA ASP A 491 -1.52 -30.60 -3.84
C ASP A 491 -2.20 -30.19 -2.52
N ASN B 15 11.11 5.86 -14.58
CA ASN B 15 10.18 5.29 -13.60
C ASN B 15 8.94 6.17 -13.33
N ALA B 16 8.97 7.46 -13.70
CA ALA B 16 7.83 8.38 -13.52
C ALA B 16 6.61 8.01 -14.37
N THR B 17 6.81 7.19 -15.42
CA THR B 17 5.76 6.64 -16.28
C THR B 17 5.02 5.57 -15.47
N GLU B 18 5.77 4.69 -14.75
CA GLU B 18 5.23 3.65 -13.88
C GLU B 18 4.54 4.25 -12.66
N ILE B 19 4.98 5.43 -12.19
CA ILE B 19 4.34 6.12 -11.08
C ILE B 19 3.02 6.77 -11.55
N ARG B 20 2.97 7.28 -12.80
CA ARG B 20 1.77 7.87 -13.39
C ARG B 20 0.68 6.83 -13.68
N ALA B 21 1.09 5.60 -14.00
CA ALA B 21 0.16 4.51 -14.29
C ALA B 21 -0.55 4.05 -13.03
N SER B 22 0.16 4.02 -11.90
CA SER B 22 -0.43 3.59 -10.64
C SER B 22 -1.44 4.62 -10.09
N VAL B 23 -1.17 5.91 -10.26
CA VAL B 23 -2.11 6.96 -9.86
C VAL B 23 -3.33 6.94 -10.77
N GLY B 24 -3.11 6.70 -12.08
CA GLY B 24 -4.18 6.61 -13.06
C GLY B 24 -5.07 5.41 -12.78
N LYS B 25 -4.47 4.30 -12.38
CA LYS B 25 -5.20 3.09 -12.04
C LYS B 25 -6.12 3.34 -10.84
N MET B 26 -5.65 4.12 -9.86
CA MET B 26 -6.38 4.48 -8.66
C MET B 26 -7.60 5.37 -8.99
N ILE B 27 -7.38 6.41 -9.83
CA ILE B 27 -8.42 7.34 -10.26
C ILE B 27 -9.51 6.60 -11.02
N GLY B 28 -9.11 5.72 -11.91
CA GLY B 28 -10.03 4.91 -12.70
C GLY B 28 -10.91 4.03 -11.85
N GLY B 29 -10.40 3.57 -10.72
CA GLY B 29 -11.15 2.74 -9.80
C GLY B 29 -12.20 3.53 -9.04
N ILE B 30 -11.90 4.80 -8.74
CA ILE B 30 -12.85 5.70 -8.10
C ILE B 30 -13.99 5.96 -9.08
N GLY B 31 -13.64 6.27 -10.33
CA GLY B 31 -14.62 6.51 -11.39
C GLY B 31 -15.54 5.34 -11.61
N ARG B 32 -14.99 4.13 -11.67
CA ARG B 32 -15.77 2.91 -11.87
C ARG B 32 -16.68 2.61 -10.68
N PHE B 33 -16.21 2.91 -9.47
CA PHE B 33 -17.02 2.69 -8.28
C PHE B 33 -18.22 3.64 -8.30
N TYR B 34 -18.00 4.89 -8.70
CA TYR B 34 -19.05 5.88 -8.76
C TYR B 34 -20.10 5.49 -9.77
N ILE B 35 -19.69 5.06 -10.95
CA ILE B 35 -20.64 4.62 -12.00
C ILE B 35 -21.52 3.47 -11.52
N GLN B 36 -20.94 2.56 -10.74
CA GLN B 36 -21.68 1.43 -10.22
C GLN B 36 -22.68 1.89 -9.19
N MET B 37 -22.26 2.76 -8.29
CA MET B 37 -23.14 3.29 -7.25
C MET B 37 -24.30 4.05 -7.80
N CYS B 38 -24.07 4.89 -8.81
CA CYS B 38 -25.14 5.62 -9.48
C CYS B 38 -26.14 4.67 -10.11
N THR B 39 -25.65 3.55 -10.67
CA THR B 39 -26.46 2.51 -11.31
C THR B 39 -27.30 1.75 -10.29
N GLU B 40 -26.74 1.50 -9.10
CA GLU B 40 -27.47 0.82 -8.04
C GLU B 40 -28.60 1.76 -7.57
N LEU B 41 -28.26 3.03 -7.25
CA LEU B 41 -29.21 4.02 -6.77
C LEU B 41 -30.18 4.52 -7.83
N LYS B 42 -29.93 4.22 -9.11
CA LYS B 42 -30.73 4.63 -10.26
C LYS B 42 -30.79 6.15 -10.43
N LEU B 43 -29.68 6.84 -10.16
CA LEU B 43 -29.59 8.29 -10.30
C LEU B 43 -29.49 8.70 -11.75
N SER B 44 -30.23 9.74 -12.13
CA SER B 44 -30.12 10.29 -13.48
C SER B 44 -28.72 10.91 -13.69
N ASP B 45 -28.45 11.46 -14.88
CA ASP B 45 -27.18 12.11 -15.17
C ASP B 45 -27.01 13.33 -14.24
N TYR B 46 -28.07 14.11 -14.06
CA TYR B 46 -28.05 15.28 -13.20
C TYR B 46 -27.79 14.86 -11.74
N GLU B 47 -28.55 13.88 -11.24
CA GLU B 47 -28.44 13.38 -9.88
C GLU B 47 -27.04 12.79 -9.63
N GLY B 48 -26.47 12.12 -10.61
CA GLY B 48 -25.13 11.57 -10.48
C GLY B 48 -24.09 12.67 -10.39
N ARG B 49 -24.27 13.73 -11.18
CA ARG B 49 -23.35 14.86 -11.19
C ARG B 49 -23.59 15.90 -10.07
N LEU B 50 -24.53 15.61 -9.14
CA LEU B 50 -24.76 16.51 -8.01
C LEU B 50 -23.66 16.24 -7.00
N ILE B 51 -22.91 17.26 -6.61
CA ILE B 51 -21.81 17.13 -5.66
C ILE B 51 -22.30 16.65 -4.28
N GLN B 52 -23.53 17.01 -3.86
CA GLN B 52 -24.09 16.55 -2.59
C GLN B 52 -24.28 15.04 -2.59
N ASN B 53 -24.64 14.47 -3.74
CA ASN B 53 -24.78 13.03 -3.86
C ASN B 53 -23.40 12.39 -3.89
N SER B 54 -22.45 12.97 -4.61
CA SER B 54 -21.09 12.49 -4.67
C SER B 54 -20.45 12.39 -3.31
N LEU B 55 -20.67 13.37 -2.41
CA LEU B 55 -20.15 13.34 -1.06
C LEU B 55 -20.76 12.22 -0.25
N THR B 56 -22.09 11.99 -0.38
CA THR B 56 -22.77 10.89 0.32
C THR B 56 -22.16 9.54 -0.09
N ILE B 57 -21.96 9.32 -1.43
CA ILE B 57 -21.41 8.11 -2.02
C ILE B 57 -19.96 7.88 -1.61
N GLU B 58 -19.19 8.98 -1.54
CA GLU B 58 -17.79 8.97 -1.13
C GLU B 58 -17.66 8.59 0.35
N ARG B 59 -18.49 9.17 1.21
CA ARG B 59 -18.48 8.87 2.63
C ARG B 59 -18.94 7.46 2.94
N MET B 60 -19.80 6.88 2.11
CA MET B 60 -20.30 5.53 2.32
C MET B 60 -19.21 4.51 2.14
N VAL B 61 -18.31 4.71 1.15
CA VAL B 61 -17.23 3.75 0.93
C VAL B 61 -16.19 3.90 2.03
N LEU B 62 -15.89 5.13 2.46
CA LEU B 62 -14.96 5.38 3.56
C LEU B 62 -15.51 4.76 4.84
N SER B 63 -16.81 4.92 5.09
CA SER B 63 -17.47 4.36 6.26
C SER B 63 -17.45 2.82 6.24
N ALA B 64 -17.73 2.21 5.08
CA ALA B 64 -17.74 0.75 4.98
C ALA B 64 -16.36 0.15 5.27
N PHE B 65 -15.29 0.78 4.77
CA PHE B 65 -13.93 0.29 4.98
C PHE B 65 -13.31 0.71 6.31
N ASP B 66 -13.85 1.76 6.94
CA ASP B 66 -13.32 2.29 8.20
C ASP B 66 -13.51 1.36 9.41
N GLU B 67 -14.71 0.75 9.57
CA GLU B 67 -15.02 -0.14 10.71
C GLU B 67 -14.94 0.58 12.07
N ARG B 68 -15.30 1.89 12.09
CA ARG B 68 -15.25 2.77 13.25
C ARG B 68 -13.82 2.99 13.79
N ARG B 69 -12.80 2.93 12.93
CA ARG B 69 -11.41 3.14 13.36
C ARG B 69 -10.94 4.59 13.31
N ASN B 70 -11.77 5.51 12.81
CA ASN B 70 -11.44 6.92 12.64
C ASN B 70 -10.20 7.12 11.78
N LYS B 71 -10.01 6.24 10.76
CA LYS B 71 -8.87 6.24 9.85
C LYS B 71 -9.18 7.04 8.59
N TYR B 72 -10.37 6.86 8.02
CA TYR B 72 -10.79 7.56 6.80
C TYR B 72 -11.90 8.58 7.06
N LEU B 73 -12.65 8.39 8.14
CA LEU B 73 -13.83 9.17 8.47
C LEU B 73 -14.02 9.23 9.99
N GLU B 74 -14.96 10.07 10.44
CA GLU B 74 -15.38 10.21 11.83
C GLU B 74 -16.90 10.32 11.75
N GLU B 75 -17.61 9.37 12.36
CA GLU B 75 -19.06 9.37 12.27
C GLU B 75 -19.77 9.42 13.60
N HIS B 76 -20.97 9.99 13.58
CA HIS B 76 -21.85 10.18 14.72
C HIS B 76 -22.18 8.84 15.39
N PRO B 77 -22.23 8.81 16.73
CA PRO B 77 -22.60 7.55 17.41
C PRO B 77 -24.04 7.13 17.12
N GLY B 80 -23.35 4.39 14.67
CA GLY B 80 -23.07 3.33 15.63
C GLY B 80 -24.28 2.50 16.06
N LYS B 81 -25.50 2.93 15.63
CA LYS B 81 -26.77 2.24 15.95
C LYS B 81 -26.77 0.85 15.30
N ASP B 82 -26.41 0.79 14.02
CA ASP B 82 -26.26 -0.47 13.31
C ASP B 82 -24.90 -0.42 12.62
N PRO B 83 -23.88 -1.04 13.22
CA PRO B 83 -22.53 -0.96 12.65
C PRO B 83 -22.33 -1.67 11.31
N LYS B 84 -23.23 -2.57 10.95
CA LYS B 84 -23.14 -3.29 9.69
C LYS B 84 -23.69 -2.49 8.49
N LYS B 85 -24.49 -1.43 8.75
CA LYS B 85 -25.10 -0.63 7.70
C LYS B 85 -24.59 0.79 7.65
N THR B 86 -24.39 1.29 6.44
CA THR B 86 -23.93 2.66 6.24
C THR B 86 -24.84 3.40 5.28
N GLY B 87 -24.99 4.70 5.49
CA GLY B 87 -25.86 5.49 4.64
C GLY B 87 -25.56 6.96 4.53
N GLY B 88 -26.59 7.69 4.17
CA GLY B 88 -26.49 9.13 4.01
C GLY B 88 -27.61 9.69 3.17
N PRO B 89 -27.60 11.01 2.94
CA PRO B 89 -28.67 11.62 2.15
C PRO B 89 -28.47 11.54 0.63
N ILE B 90 -29.52 11.19 -0.10
CA ILE B 90 -29.52 11.14 -1.55
C ILE B 90 -30.58 12.13 -2.02
N TYR B 91 -30.22 12.97 -2.99
CA TYR B 91 -31.12 14.00 -3.52
C TYR B 91 -31.56 13.69 -4.93
N ARG B 92 -32.88 13.59 -5.14
CA ARG B 92 -33.43 13.29 -6.46
C ARG B 92 -34.33 14.43 -6.94
N ARG B 93 -34.34 14.71 -8.25
CA ARG B 93 -35.19 15.77 -8.79
C ARG B 93 -36.56 15.25 -9.24
N VAL B 94 -37.57 15.41 -8.40
CA VAL B 94 -38.93 14.96 -8.70
C VAL B 94 -39.87 16.12 -9.05
N ASN B 95 -40.19 16.26 -10.35
CA ASN B 95 -41.07 17.28 -10.94
C ASN B 95 -40.60 18.72 -10.70
N GLY B 96 -39.32 18.98 -10.94
CA GLY B 96 -38.75 20.30 -10.72
C GLY B 96 -38.30 20.55 -9.29
N LYS B 97 -38.86 19.80 -8.33
CA LYS B 97 -38.53 19.95 -6.92
C LYS B 97 -37.51 18.92 -6.43
N TRP B 98 -36.69 19.29 -5.45
CA TRP B 98 -35.64 18.43 -4.95
C TRP B 98 -36.12 17.72 -3.70
N MET B 99 -35.86 16.41 -3.61
CA MET B 99 -36.29 15.58 -2.49
C MET B 99 -35.08 14.97 -1.82
N ARG B 100 -35.13 14.81 -0.50
CA ARG B 100 -34.03 14.21 0.24
C ARG B 100 -34.51 12.89 0.83
N GLU B 101 -33.76 11.83 0.59
CA GLU B 101 -34.08 10.52 1.13
C GLU B 101 -32.84 9.92 1.78
N LEU B 102 -33.04 9.13 2.84
CA LEU B 102 -31.91 8.51 3.53
C LEU B 102 -31.78 7.07 3.10
N ILE B 103 -30.57 6.65 2.76
CA ILE B 103 -30.33 5.28 2.32
C ILE B 103 -29.53 4.47 3.35
N LEU B 104 -29.57 3.13 3.30
CA LEU B 104 -28.80 2.30 4.24
C LEU B 104 -28.27 1.00 3.63
N TYR B 105 -27.30 1.14 2.71
CA TYR B 105 -26.68 -0.03 2.10
C TYR B 105 -25.75 -0.69 3.11
N ASP B 106 -25.59 -2.01 3.02
CA ASP B 106 -24.72 -2.74 3.93
C ASP B 106 -23.28 -2.43 3.63
N LYS B 107 -22.45 -2.26 4.68
CA LYS B 107 -21.02 -2.00 4.55
C LYS B 107 -20.34 -3.11 3.74
N GLU B 108 -20.78 -4.37 3.94
CA GLU B 108 -20.27 -5.51 3.21
C GLU B 108 -20.51 -5.32 1.69
N GLU B 109 -21.71 -4.87 1.29
CA GLU B 109 -22.01 -4.69 -0.13
C GLU B 109 -21.30 -3.48 -0.75
N ILE B 110 -21.08 -2.41 0.03
CA ILE B 110 -20.31 -1.25 -0.42
C ILE B 110 -18.85 -1.67 -0.63
N ARG B 111 -18.32 -2.52 0.29
CA ARG B 111 -16.96 -3.06 0.18
C ARG B 111 -16.84 -3.95 -1.07
N ARG B 112 -17.86 -4.80 -1.32
CA ARG B 112 -17.86 -5.70 -2.48
C ARG B 112 -17.83 -4.92 -3.79
N ILE B 113 -18.59 -3.83 -3.85
CA ILE B 113 -18.67 -2.98 -5.02
C ILE B 113 -17.35 -2.22 -5.24
N TRP B 114 -16.69 -1.79 -4.15
CA TRP B 114 -15.42 -1.09 -4.25
C TRP B 114 -14.34 -2.02 -4.84
N ARG B 115 -14.25 -3.24 -4.31
CA ARG B 115 -13.28 -4.23 -4.77
C ARG B 115 -13.55 -4.62 -6.21
N GLN B 116 -14.82 -4.80 -6.58
CA GLN B 116 -15.21 -5.10 -7.95
C GLN B 116 -14.75 -3.98 -8.92
N ALA B 117 -14.91 -2.71 -8.52
CA ALA B 117 -14.51 -1.55 -9.32
C ALA B 117 -12.99 -1.39 -9.46
N ASN B 118 -12.23 -1.95 -8.50
CA ASN B 118 -10.78 -1.92 -8.46
C ASN B 118 -10.12 -3.27 -8.79
N ASN B 119 -10.84 -4.11 -9.57
CA ASN B 119 -10.40 -5.41 -10.05
C ASN B 119 -9.92 -6.37 -8.95
N GLY B 120 -10.63 -6.40 -7.84
CA GLY B 120 -10.33 -7.25 -6.70
C GLY B 120 -9.40 -6.66 -5.65
N ASP B 121 -8.74 -5.55 -5.99
CA ASP B 121 -7.80 -4.92 -5.07
C ASP B 121 -8.49 -4.06 -4.04
N ASP B 122 -7.91 -4.02 -2.83
CA ASP B 122 -8.42 -3.22 -1.72
C ASP B 122 -8.37 -1.72 -2.02
N ALA B 123 -7.47 -1.29 -2.91
CA ALA B 123 -7.25 0.08 -3.39
C ALA B 123 -7.41 1.14 -2.31
N THR B 124 -6.62 1.02 -1.25
CA THR B 124 -6.66 2.00 -0.16
C THR B 124 -6.27 3.41 -0.66
N ALA B 125 -5.45 3.49 -1.74
CA ALA B 125 -5.04 4.74 -2.37
C ALA B 125 -6.25 5.56 -2.84
N GLY B 126 -7.29 4.88 -3.30
CA GLY B 126 -8.51 5.52 -3.76
C GLY B 126 -9.31 6.08 -2.60
N LEU B 127 -9.34 5.34 -1.48
CA LEU B 127 -10.03 5.77 -0.25
C LEU B 127 -9.37 7.03 0.31
N THR B 128 -8.03 7.03 0.45
CA THR B 128 -7.30 8.18 0.95
C THR B 128 -7.44 9.40 0.04
N HIS B 129 -7.59 9.19 -1.29
CA HIS B 129 -7.77 10.28 -2.23
C HIS B 129 -9.10 11.00 -1.93
N MET B 130 -10.18 10.23 -1.71
CA MET B 130 -11.51 10.79 -1.39
C MET B 130 -11.48 11.49 -0.06
N MET B 131 -10.80 10.89 0.93
CA MET B 131 -10.61 11.44 2.27
C MET B 131 -9.87 12.78 2.21
N ILE B 132 -8.85 12.89 1.34
CA ILE B 132 -8.09 14.13 1.18
C ILE B 132 -8.92 15.20 0.46
N TRP B 133 -9.77 14.79 -0.51
CA TRP B 133 -10.69 15.73 -1.16
C TRP B 133 -11.67 16.28 -0.12
N HIS B 134 -12.15 15.41 0.78
CA HIS B 134 -13.06 15.80 1.84
C HIS B 134 -12.43 16.79 2.79
N SER B 135 -11.15 16.60 3.10
CA SER B 135 -10.42 17.52 3.95
C SER B 135 -10.26 18.87 3.23
N ASN B 136 -9.83 18.85 1.95
CA ASN B 136 -9.68 20.06 1.14
C ASN B 136 -10.99 20.85 1.05
N LEU B 137 -12.13 20.14 0.99
CA LEU B 137 -13.43 20.80 0.92
C LEU B 137 -13.77 21.49 2.24
N ASN B 138 -13.45 20.85 3.37
CA ASN B 138 -13.70 21.48 4.66
C ASN B 138 -12.77 22.66 4.87
N ASP B 139 -11.52 22.58 4.38
CA ASP B 139 -10.56 23.69 4.47
C ASP B 139 -11.10 24.89 3.67
N ALA B 140 -11.69 24.63 2.49
CA ALA B 140 -12.26 25.68 1.65
C ALA B 140 -13.60 26.21 2.19
N THR B 141 -14.32 25.42 3.02
CA THR B 141 -15.63 25.78 3.52
C THR B 141 -15.72 26.36 4.95
N TYR B 142 -15.21 25.64 5.96
CA TYR B 142 -15.41 26.01 7.35
C TYR B 142 -14.22 26.61 8.06
N GLN B 143 -14.53 27.40 9.10
CA GLN B 143 -13.63 28.10 9.99
C GLN B 143 -13.17 27.17 11.11
N ARG B 144 -11.90 27.26 11.49
CA ARG B 144 -11.37 26.50 12.63
C ARG B 144 -10.84 27.46 13.71
N THR B 145 -11.40 28.67 13.75
CA THR B 145 -11.12 29.79 14.65
C THR B 145 -11.44 29.42 16.09
N ARG B 146 -12.60 28.81 16.32
CA ARG B 146 -13.01 28.38 17.64
C ARG B 146 -12.20 27.16 18.09
N ALA B 147 -11.79 26.28 17.17
CA ALA B 147 -10.95 25.13 17.50
C ALA B 147 -9.58 25.61 18.03
N LEU B 148 -9.11 26.73 17.49
CA LEU B 148 -7.85 27.35 17.97
C LEU B 148 -8.12 28.03 19.31
N VAL B 149 -9.36 28.37 19.65
CA VAL B 149 -9.62 28.97 20.98
C VAL B 149 -9.67 27.83 22.02
N ARG B 150 -10.29 26.71 21.67
CA ARG B 150 -10.46 25.57 22.59
C ARG B 150 -9.07 25.01 22.97
N THR B 151 -8.15 24.95 22.01
CA THR B 151 -6.77 24.55 22.30
C THR B 151 -6.05 25.84 22.36
N GLY B 152 -5.35 26.15 23.45
CA GLY B 152 -4.79 27.51 23.44
C GLY B 152 -3.83 27.61 22.30
N MET B 153 -4.01 28.61 21.43
CA MET B 153 -3.09 28.81 20.29
C MET B 153 -3.34 30.17 19.66
N ASP B 154 -2.30 30.76 19.07
CA ASP B 154 -2.42 32.11 18.46
C ASP B 154 -3.51 32.05 17.40
N PRO B 155 -4.40 33.04 17.28
CA PRO B 155 -5.39 33.07 16.19
C PRO B 155 -4.71 33.12 14.82
N ARG B 156 -3.49 33.62 14.73
CA ARG B 156 -2.71 33.78 13.49
C ARG B 156 -2.39 32.47 12.79
N MET B 157 -2.47 31.34 13.49
CA MET B 157 -2.19 30.03 12.91
C MET B 157 -3.26 29.59 11.90
N CYS B 158 -4.32 30.39 11.67
CA CYS B 158 -5.42 30.07 10.75
C CYS B 158 -4.92 29.65 9.35
N SER B 159 -3.92 30.38 8.85
CA SER B 159 -3.31 30.11 7.53
C SER B 159 -2.36 28.89 7.53
N LEU B 160 -2.12 28.25 8.68
CA LEU B 160 -1.29 27.05 8.78
C LEU B 160 -2.14 25.81 9.19
N MET B 161 -3.47 25.86 9.05
CA MET B 161 -4.33 24.77 9.48
C MET B 161 -4.75 23.79 8.39
N GLN B 162 -3.83 23.47 7.48
CA GLN B 162 -4.13 22.50 6.40
C GLN B 162 -4.46 21.14 6.97
N GLY B 163 -5.52 20.53 6.48
CA GLY B 163 -5.93 19.21 6.93
C GLY B 163 -6.32 19.11 8.39
N SER B 164 -6.80 20.21 8.99
CA SER B 164 -7.19 20.21 10.40
C SER B 164 -8.47 19.42 10.70
N THR B 165 -9.25 19.10 9.67
CA THR B 165 -10.49 18.36 9.81
C THR B 165 -10.33 16.84 9.47
N LEU B 166 -9.11 16.39 9.11
CA LEU B 166 -8.84 15.00 8.79
C LEU B 166 -9.13 14.11 10.03
N PRO B 167 -9.59 12.86 9.83
CA PRO B 167 -9.85 11.98 10.98
C PRO B 167 -8.66 11.83 11.94
N ARG B 168 -8.92 11.62 13.23
CA ARG B 168 -7.87 11.55 14.23
C ARG B 168 -6.81 10.45 13.97
N ARG B 169 -7.16 9.30 13.35
CA ARG B 169 -6.15 8.26 13.05
C ARG B 169 -5.93 8.12 11.53
N SER B 170 -5.78 9.25 10.82
CA SER B 170 -5.60 9.25 9.36
C SER B 170 -4.28 8.64 8.87
N GLY B 171 -3.34 8.42 9.78
CA GLY B 171 -2.05 7.80 9.46
C GLY B 171 -1.18 8.63 8.54
N ALA B 172 -0.29 7.95 7.81
CA ALA B 172 0.66 8.59 6.91
C ALA B 172 0.07 9.27 5.66
N ALA B 173 -1.08 8.78 5.14
CA ALA B 173 -1.68 9.39 3.96
C ALA B 173 -2.12 10.83 4.27
N GLY B 174 -2.74 11.02 5.42
CA GLY B 174 -3.17 12.34 5.84
C GLY B 174 -1.99 13.21 6.23
N ALA B 175 -0.99 12.60 6.90
CA ALA B 175 0.20 13.28 7.39
C ALA B 175 0.86 14.24 6.40
N ALA B 176 0.98 13.83 5.13
CA ALA B 176 1.61 14.64 4.07
C ALA B 176 0.88 15.96 3.80
N VAL B 177 -0.46 15.93 3.91
CA VAL B 177 -1.37 17.04 3.64
C VAL B 177 -1.61 17.96 4.87
N LYS B 178 -1.25 17.53 6.10
CA LYS B 178 -1.44 18.33 7.32
C LYS B 178 -0.45 19.49 7.40
N GLY B 179 -0.93 20.62 7.88
CA GLY B 179 -0.14 21.84 8.00
C GLY B 179 0.54 21.96 9.35
N VAL B 180 1.53 22.85 9.46
CA VAL B 180 2.27 23.05 10.71
C VAL B 180 1.36 23.30 11.92
N GLY B 181 0.41 24.23 11.79
CA GLY B 181 -0.55 24.55 12.83
C GLY B 181 -1.46 23.39 13.21
N THR B 182 -1.75 22.49 12.24
CA THR B 182 -2.55 21.30 12.48
C THR B 182 -1.77 20.32 13.35
N MET B 183 -0.47 20.14 13.05
CA MET B 183 0.40 19.27 13.85
C MET B 183 0.53 19.82 15.25
N VAL B 184 0.72 21.16 15.36
CA VAL B 184 0.87 21.81 16.65
C VAL B 184 -0.41 21.66 17.45
N MET B 185 -1.59 21.80 16.81
CA MET B 185 -2.85 21.63 17.51
C MET B 185 -3.04 20.22 18.04
N GLU B 186 -2.65 19.21 17.26
CA GLU B 186 -2.74 17.79 17.64
C GLU B 186 -1.81 17.48 18.80
N LEU B 187 -0.56 17.95 18.73
CA LEU B 187 0.47 17.74 19.74
C LEU B 187 0.14 18.48 21.04
N VAL B 188 -0.48 19.66 20.93
CA VAL B 188 -0.88 20.44 22.10
C VAL B 188 -2.13 19.83 22.75
N ARG B 189 -3.03 19.22 21.97
CA ARG B 189 -4.18 18.51 22.53
C ARG B 189 -3.66 17.32 23.38
N MET B 190 -2.63 16.65 22.90
CA MET B 190 -2.01 15.52 23.58
C MET B 190 -1.27 15.96 24.85
N ILE B 191 -0.48 17.05 24.77
CA ILE B 191 0.24 17.59 25.92
C ILE B 191 -0.72 18.02 27.02
N LYS B 192 -1.83 18.67 26.65
CA LYS B 192 -2.87 19.09 27.62
C LYS B 192 -3.55 17.90 28.30
N ARG B 193 -3.67 16.78 27.59
CA ARG B 193 -4.27 15.57 28.16
C ARG B 193 -3.39 14.97 29.26
N GLY B 194 -2.07 15.10 29.11
CA GLY B 194 -1.06 14.62 30.06
C GLY B 194 -0.85 15.49 31.29
N ILE B 195 -1.54 16.64 31.34
CA ILE B 195 -1.51 17.59 32.45
C ILE B 195 -2.56 17.12 33.47
N ASN B 196 -3.79 16.84 33.00
CA ASN B 196 -4.90 16.37 33.85
C ASN B 196 -4.66 14.92 34.31
N ASP B 197 -4.46 13.99 33.35
CA ASP B 197 -4.23 12.59 33.70
C ASP B 197 -2.78 12.37 34.07
N ARG B 198 -2.53 11.98 35.33
CA ARG B 198 -1.18 11.67 35.81
C ARG B 198 -0.64 10.34 35.23
N ASN B 199 -1.52 9.50 34.63
CA ASN B 199 -1.16 8.23 34.02
C ASN B 199 -1.33 8.25 32.50
N PHE B 200 -1.15 9.42 31.88
CA PHE B 200 -1.29 9.55 30.44
C PHE B 200 -0.10 8.93 29.73
N TRP B 201 1.09 9.15 30.24
CA TRP B 201 2.31 8.62 29.64
C TRP B 201 2.80 7.37 30.39
N ARG B 202 1.91 6.64 31.07
CA ARG B 202 2.28 5.46 31.83
C ARG B 202 1.64 4.19 31.29
N GLY B 203 2.29 3.06 31.54
CA GLY B 203 1.77 1.75 31.16
C GLY B 203 1.62 1.53 29.67
N GLU B 204 0.74 0.58 29.30
CA GLU B 204 0.52 0.22 27.90
C GLU B 204 -0.19 1.32 27.14
N ASN B 205 -1.09 2.06 27.81
CA ASN B 205 -1.78 3.17 27.17
C ASN B 205 -0.79 4.31 26.88
N GLY B 206 0.09 4.58 27.84
CA GLY B 206 1.14 5.59 27.70
C GLY B 206 2.23 5.22 26.74
N ARG B 207 2.41 3.92 26.47
CA ARG B 207 3.45 3.46 25.51
C ARG B 207 2.92 3.68 24.10
N LYS B 208 1.65 3.38 23.91
CA LYS B 208 0.98 3.59 22.63
C LYS B 208 0.97 5.10 22.34
N THR B 209 0.60 5.89 23.37
CA THR B 209 0.54 7.34 23.35
C THR B 209 1.91 7.94 23.02
N ARG B 210 3.01 7.38 23.56
CA ARG B 210 4.35 7.88 23.28
C ARG B 210 4.80 7.60 21.85
N ILE B 211 4.40 6.45 21.26
CA ILE B 211 4.72 6.17 19.85
C ILE B 211 3.98 7.19 18.96
N ALA B 212 2.71 7.46 19.28
CA ALA B 212 1.90 8.43 18.56
C ALA B 212 2.53 9.83 18.68
N TYR B 213 3.04 10.18 19.89
CA TYR B 213 3.69 11.45 20.16
C TYR B 213 4.95 11.60 19.33
N GLU B 214 5.82 10.58 19.31
CA GLU B 214 7.08 10.63 18.56
C GLU B 214 6.89 10.57 17.05
N ARG B 215 5.78 9.97 16.59
CA ARG B 215 5.43 9.91 15.18
C ARG B 215 5.00 11.30 14.71
N MET B 216 4.13 11.96 15.49
CA MET B 216 3.65 13.31 15.23
C MET B 216 4.82 14.31 15.28
N CYS B 217 5.76 14.10 16.21
CA CYS B 217 6.93 14.96 16.33
C CYS B 217 7.87 14.82 15.14
N ASN B 218 8.11 13.58 14.68
CA ASN B 218 8.97 13.36 13.52
C ASN B 218 8.30 13.83 12.22
N ILE B 219 6.95 13.78 12.15
CA ILE B 219 6.19 14.25 11.00
C ILE B 219 6.35 15.77 10.91
N LEU B 220 6.12 16.48 12.03
CA LEU B 220 6.25 17.93 12.07
C LEU B 220 7.70 18.36 11.82
N LYS B 221 8.67 17.59 12.34
CA LYS B 221 10.08 17.89 12.12
C LYS B 221 10.40 17.87 10.61
N GLY B 222 9.90 16.85 9.91
CA GLY B 222 10.11 16.69 8.48
C GLY B 222 9.55 17.82 7.66
N LYS B 223 8.51 18.50 8.17
CA LYS B 223 7.90 19.64 7.49
C LYS B 223 8.80 20.89 7.57
N PHE B 224 9.64 21.02 8.60
CA PHE B 224 10.54 22.16 8.72
C PHE B 224 11.70 22.06 7.76
N GLN B 225 12.03 23.17 7.09
CA GLN B 225 13.13 23.19 6.12
C GLN B 225 14.43 23.76 6.68
N THR B 226 14.40 24.39 7.86
CA THR B 226 15.63 24.92 8.46
C THR B 226 16.23 23.92 9.45
N ALA B 227 17.54 24.03 9.70
CA ALA B 227 18.22 23.13 10.61
C ALA B 227 17.87 23.43 12.07
N ALA B 228 17.59 24.69 12.42
CA ALA B 228 17.27 25.10 13.79
C ALA B 228 15.86 24.70 14.22
N GLN B 229 14.88 24.80 13.29
CA GLN B 229 13.50 24.41 13.58
C GLN B 229 13.41 22.89 13.80
N LYS B 230 14.16 22.11 13.00
CA LYS B 230 14.21 20.66 13.11
C LYS B 230 14.92 20.25 14.41
N ALA B 231 15.97 20.99 14.81
CA ALA B 231 16.70 20.74 16.04
C ALA B 231 15.80 21.00 17.23
N MET B 232 14.99 22.07 17.16
CA MET B 232 14.06 22.39 18.23
C MET B 232 12.99 21.32 18.39
N MET B 233 12.61 20.66 17.29
CA MET B 233 11.63 19.58 17.34
C MET B 233 12.18 18.35 18.06
N ASP B 234 13.48 18.08 17.90
CA ASP B 234 14.13 16.96 18.57
C ASP B 234 14.04 17.09 20.08
N GLN B 235 14.13 18.33 20.60
CA GLN B 235 14.05 18.57 22.04
C GLN B 235 12.65 18.36 22.59
N VAL B 236 11.62 18.72 21.81
CA VAL B 236 10.24 18.52 22.23
C VAL B 236 9.93 17.01 22.28
N ARG B 237 10.44 16.26 21.29
CA ARG B 237 10.26 14.83 21.15
C ARG B 237 11.04 14.05 22.22
N GLU B 238 12.21 14.54 22.65
CA GLU B 238 13.00 13.85 23.66
C GLU B 238 12.40 13.91 25.07
N SER B 239 11.46 14.83 25.31
CA SER B 239 10.82 15.02 26.61
C SER B 239 9.91 13.83 26.94
N ARG B 240 10.23 13.10 28.03
CA ARG B 240 9.44 11.93 28.42
C ARG B 240 8.11 12.30 29.13
N ASN B 241 8.06 13.48 29.75
CA ASN B 241 6.82 14.01 30.34
C ASN B 241 6.60 15.45 29.85
N PRO B 242 5.95 15.60 28.69
CA PRO B 242 5.73 16.94 28.12
C PRO B 242 4.62 17.74 28.78
N GLY B 243 4.99 18.91 29.27
CA GLY B 243 4.06 19.83 29.92
C GLY B 243 4.17 21.23 29.38
N ASN B 244 4.35 22.21 30.27
CA ASN B 244 4.42 23.61 29.88
C ASN B 244 5.57 23.95 28.92
N ALA B 245 6.83 23.63 29.26
CA ALA B 245 7.97 23.96 28.39
C ALA B 245 7.78 23.55 26.91
N GLU B 246 7.32 22.32 26.67
CA GLU B 246 7.08 21.75 25.34
C GLU B 246 5.96 22.47 24.62
N PHE B 247 4.90 22.82 25.35
CA PHE B 247 3.76 23.56 24.84
C PHE B 247 4.22 24.97 24.42
N GLU B 248 5.06 25.59 25.22
CA GLU B 248 5.62 26.90 24.93
C GLU B 248 6.62 26.86 23.75
N ASP B 249 7.25 25.71 23.53
CA ASP B 249 8.18 25.54 22.43
C ASP B 249 7.45 25.27 21.14
N LEU B 250 6.36 24.49 21.19
CA LEU B 250 5.58 24.18 20.00
C LEU B 250 4.91 25.43 19.46
N THR B 251 4.32 26.25 20.35
CA THR B 251 3.70 27.51 19.96
C THR B 251 4.71 28.50 19.39
N PHE B 252 5.99 28.41 19.80
CA PHE B 252 7.06 29.23 19.26
C PHE B 252 7.37 28.74 17.84
N LEU B 253 7.44 27.40 17.64
CA LEU B 253 7.67 26.82 16.32
C LEU B 253 6.53 27.13 15.36
N ALA B 254 5.31 27.17 15.87
CA ALA B 254 4.12 27.52 15.13
C ALA B 254 4.19 29.02 14.75
N ARG B 255 4.71 29.86 15.68
CA ARG B 255 4.90 31.30 15.50
C ARG B 255 5.95 31.54 14.40
N SER B 256 7.01 30.72 14.35
CA SER B 256 8.08 30.85 13.35
C SER B 256 7.67 30.34 11.98
N ALA B 257 6.74 29.39 11.94
CA ALA B 257 6.30 28.80 10.67
C ALA B 257 5.71 29.87 9.74
N LEU B 258 5.21 30.95 10.31
CA LEU B 258 4.69 32.06 9.47
C LEU B 258 5.82 32.68 8.63
N ILE B 259 6.98 32.88 9.24
CA ILE B 259 8.10 33.56 8.51
C ILE B 259 9.06 32.50 7.94
N LEU B 260 9.42 31.52 8.74
CA LEU B 260 10.27 30.44 8.18
C LEU B 260 9.27 29.37 7.81
N ARG B 261 9.07 29.19 6.52
CA ARG B 261 7.98 28.31 6.05
C ARG B 261 8.27 26.83 6.25
N GLY B 262 7.21 26.04 6.25
CA GLY B 262 7.36 24.59 6.35
C GLY B 262 6.82 23.96 5.08
N SER B 263 7.46 22.90 4.60
CA SER B 263 6.97 22.18 3.40
C SER B 263 5.64 21.49 3.72
N VAL B 264 4.56 21.95 3.08
CA VAL B 264 3.22 21.37 3.22
C VAL B 264 2.74 20.96 1.84
N ALA B 265 2.26 19.72 1.71
CA ALA B 265 1.76 19.25 0.44
C ALA B 265 0.28 19.54 0.27
N HIS B 266 -0.06 19.98 -0.95
CA HIS B 266 -1.43 20.27 -1.33
C HIS B 266 -1.74 19.37 -2.51
N LYS B 267 -2.80 18.55 -2.41
CA LYS B 267 -3.13 17.61 -3.47
C LYS B 267 -4.49 17.90 -4.08
N SER B 268 -4.51 18.22 -5.37
CA SER B 268 -5.78 18.46 -6.05
C SER B 268 -6.52 17.14 -6.26
N CYS B 269 -7.44 16.83 -5.35
CA CYS B 269 -8.25 15.62 -5.43
C CYS B 269 -9.64 16.07 -5.80
N LEU B 270 -10.15 15.60 -6.93
CA LEU B 270 -11.47 15.99 -7.41
C LEU B 270 -12.54 15.03 -6.90
N PRO B 271 -13.81 15.46 -6.79
CA PRO B 271 -14.87 14.53 -6.35
C PRO B 271 -15.05 13.35 -7.31
N ALA B 272 -15.59 12.24 -6.81
CA ALA B 272 -15.84 11.03 -7.60
C ALA B 272 -16.77 11.30 -8.77
N CYS B 273 -17.68 12.29 -8.67
CA CYS B 273 -18.57 12.65 -9.76
C CYS B 273 -17.85 13.40 -10.90
N VAL B 274 -16.51 13.51 -10.84
CA VAL B 274 -15.67 14.12 -11.88
C VAL B 274 -14.93 12.98 -12.60
N TYR B 275 -14.40 12.01 -11.83
CA TYR B 275 -13.75 10.81 -12.36
C TYR B 275 -14.79 9.86 -12.95
N GLY B 276 -15.97 9.77 -12.32
CA GLY B 276 -17.10 8.96 -12.76
C GLY B 276 -17.43 9.18 -14.22
N PRO B 277 -17.97 10.36 -14.56
CA PRO B 277 -18.24 10.66 -15.98
C PRO B 277 -17.05 10.58 -16.94
N ALA B 278 -15.82 10.82 -16.45
CA ALA B 278 -14.60 10.74 -17.27
C ALA B 278 -14.33 9.27 -17.64
N VAL B 279 -14.53 8.36 -16.68
CA VAL B 279 -14.37 6.95 -16.93
C VAL B 279 -15.52 6.49 -17.82
N ALA B 280 -16.76 6.92 -17.51
CA ALA B 280 -17.92 6.53 -18.30
C ALA B 280 -17.80 6.84 -19.78
N SER B 281 -17.01 7.86 -20.14
CA SER B 281 -16.84 8.21 -21.54
C SER B 281 -15.64 7.54 -22.24
N GLY B 282 -15.05 6.52 -21.60
CA GLY B 282 -13.98 5.72 -22.15
C GLY B 282 -12.56 6.11 -21.86
N TYR B 283 -12.35 7.10 -20.98
CA TYR B 283 -11.01 7.55 -20.65
C TYR B 283 -10.22 6.51 -19.87
N ASP B 284 -9.09 6.05 -20.42
CA ASP B 284 -8.27 5.06 -19.77
C ASP B 284 -7.21 5.74 -18.90
N PHE B 285 -7.52 5.98 -17.61
CA PHE B 285 -6.56 6.62 -16.70
C PHE B 285 -5.30 5.81 -16.51
N GLU B 286 -5.39 4.47 -16.51
CA GLU B 286 -4.22 3.64 -16.31
C GLU B 286 -3.27 3.71 -17.49
N ARG B 287 -3.81 3.66 -18.71
CA ARG B 287 -2.99 3.71 -19.92
C ARG B 287 -2.44 5.13 -20.17
N GLU B 288 -3.32 6.14 -20.14
CA GLU B 288 -2.96 7.55 -20.36
C GLU B 288 -2.05 8.10 -19.27
N GLY B 289 -2.28 7.67 -18.04
CA GLY B 289 -1.55 8.12 -16.87
C GLY B 289 -2.24 9.26 -16.17
N TYR B 290 -1.86 9.51 -14.92
CA TYR B 290 -2.44 10.62 -14.16
C TYR B 290 -1.50 11.11 -13.08
N SER B 291 -1.39 12.44 -12.95
CA SER B 291 -0.54 13.05 -11.96
C SER B 291 -1.31 14.21 -11.33
N LEU B 292 -1.37 14.25 -10.00
CA LEU B 292 -2.04 15.35 -9.31
C LEU B 292 -1.32 16.69 -9.51
N VAL B 293 -0.04 16.67 -9.92
CA VAL B 293 0.75 17.86 -10.16
C VAL B 293 0.72 18.23 -11.63
N GLY B 294 0.33 19.47 -11.93
CA GLY B 294 0.31 19.94 -13.30
C GLY B 294 -1.06 20.07 -13.94
N ILE B 295 -1.13 19.77 -15.23
CA ILE B 295 -2.31 19.96 -16.04
C ILE B 295 -3.41 18.91 -15.85
N ASP B 296 -3.07 17.67 -15.48
CA ASP B 296 -4.07 16.60 -15.37
C ASP B 296 -5.37 17.00 -14.60
N PRO B 297 -5.34 17.57 -13.37
CA PRO B 297 -6.61 17.98 -12.72
C PRO B 297 -7.27 19.19 -13.41
N PHE B 298 -6.48 20.10 -13.99
CA PHE B 298 -6.98 21.28 -14.69
C PHE B 298 -7.70 20.89 -15.98
N ARG B 299 -7.16 19.93 -16.74
CA ARG B 299 -7.74 19.48 -18.00
C ARG B 299 -9.03 18.73 -17.71
N LEU B 300 -9.00 17.84 -16.73
CA LEU B 300 -10.17 17.07 -16.35
C LEU B 300 -11.33 17.99 -15.90
N LEU B 301 -11.04 19.08 -15.17
CA LEU B 301 -12.06 20.03 -14.77
C LEU B 301 -12.64 20.84 -15.95
N GLN B 302 -11.87 21.04 -17.03
CA GLN B 302 -12.40 21.73 -18.22
C GLN B 302 -13.39 20.83 -18.95
N ASN B 303 -13.20 19.50 -18.88
CA ASN B 303 -14.07 18.54 -19.54
C ASN B 303 -15.09 17.93 -18.57
N SER B 304 -15.47 18.66 -17.53
CA SER B 304 -16.41 18.16 -16.54
C SER B 304 -17.62 19.02 -16.33
N GLN B 305 -18.69 18.41 -15.83
CA GLN B 305 -19.92 19.12 -15.54
C GLN B 305 -20.43 18.67 -14.19
N VAL B 306 -20.30 19.56 -13.19
CA VAL B 306 -20.73 19.26 -11.83
C VAL B 306 -21.85 20.22 -11.44
N TYR B 307 -22.86 19.70 -10.77
CA TYR B 307 -23.97 20.53 -10.29
C TYR B 307 -23.99 20.56 -8.76
N SER B 308 -24.69 21.54 -8.18
CA SER B 308 -24.79 21.66 -6.75
C SER B 308 -26.12 22.21 -6.35
N LEU B 309 -26.62 21.81 -5.19
CA LEU B 309 -27.86 22.35 -4.66
C LEU B 309 -27.53 23.74 -4.14
N ILE B 310 -28.39 24.70 -4.44
CA ILE B 310 -28.18 26.07 -4.00
C ILE B 310 -29.33 26.49 -3.09
N ARG B 311 -28.99 27.17 -1.99
CA ARG B 311 -29.96 27.68 -1.01
C ARG B 311 -30.45 29.05 -1.47
N PRO B 312 -31.64 29.50 -1.03
CA PRO B 312 -32.11 30.83 -1.42
C PRO B 312 -31.16 31.94 -0.94
N ASN B 313 -31.03 32.99 -1.75
CA ASN B 313 -30.17 34.16 -1.51
C ASN B 313 -28.66 33.82 -1.58
N GLU B 314 -28.29 32.60 -2.03
CA GLU B 314 -26.87 32.23 -2.21
C GLU B 314 -26.43 32.55 -3.63
N ASN B 315 -25.21 33.08 -3.77
CA ASN B 315 -24.68 33.46 -5.07
C ASN B 315 -23.94 32.27 -5.67
N PRO B 316 -24.46 31.73 -6.79
CA PRO B 316 -23.84 30.56 -7.43
C PRO B 316 -22.38 30.73 -7.80
N ALA B 317 -21.93 31.93 -8.18
CA ALA B 317 -20.52 32.16 -8.50
C ALA B 317 -19.61 31.91 -7.30
N HIS B 318 -20.10 32.26 -6.09
CA HIS B 318 -19.39 32.05 -4.83
C HIS B 318 -19.40 30.60 -4.42
N LYS B 319 -20.50 29.89 -4.66
CA LYS B 319 -20.56 28.46 -4.38
C LYS B 319 -19.61 27.72 -5.32
N SER B 320 -19.52 28.16 -6.58
CA SER B 320 -18.60 27.60 -7.57
C SER B 320 -17.15 27.82 -7.11
N GLN B 321 -16.84 28.98 -6.52
CA GLN B 321 -15.50 29.33 -6.04
C GLN B 321 -15.06 28.43 -4.89
N LEU B 322 -16.00 28.10 -3.99
CA LEU B 322 -15.75 27.21 -2.85
C LEU B 322 -15.26 25.86 -3.37
N VAL B 323 -15.97 25.31 -4.36
CA VAL B 323 -15.66 24.01 -4.96
C VAL B 323 -14.43 24.06 -5.82
N TRP B 324 -14.21 25.14 -6.56
CA TRP B 324 -13.01 25.30 -7.37
C TRP B 324 -11.76 25.32 -6.48
N MET B 325 -11.84 26.00 -5.33
CA MET B 325 -10.72 26.06 -4.41
C MET B 325 -10.50 24.75 -3.67
N ALA B 326 -11.57 24.01 -3.41
CA ALA B 326 -11.47 22.72 -2.74
C ALA B 326 -10.88 21.69 -3.70
N CYS B 327 -11.31 21.71 -4.96
CA CYS B 327 -10.81 20.84 -6.03
C CYS B 327 -9.30 21.05 -6.21
N HIS B 328 -8.84 22.31 -6.08
CA HIS B 328 -7.46 22.74 -6.29
C HIS B 328 -6.56 22.81 -5.06
N SER B 329 -7.08 22.46 -3.87
CA SER B 329 -6.35 22.57 -2.58
C SER B 329 -5.78 23.99 -2.40
N ALA B 330 -6.60 25.00 -2.75
CA ALA B 330 -6.22 26.40 -2.81
C ALA B 330 -6.71 27.29 -1.68
N ALA B 331 -7.31 26.72 -0.61
CA ALA B 331 -7.75 27.55 0.51
C ALA B 331 -6.59 28.28 1.18
N PHE B 332 -5.40 27.67 1.21
CA PHE B 332 -4.25 28.28 1.87
C PHE B 332 -3.27 28.99 0.92
N GLU B 333 -3.66 29.19 -0.35
CA GLU B 333 -2.82 29.88 -1.35
C GLU B 333 -3.07 31.38 -1.39
N ASP B 334 -2.17 32.16 -2.01
CA ASP B 334 -2.35 33.62 -2.14
C ASP B 334 -3.49 33.82 -3.13
N LEU B 335 -4.47 34.64 -2.76
CA LEU B 335 -5.63 34.92 -3.61
C LEU B 335 -5.28 35.68 -4.87
N ARG B 336 -4.19 36.45 -4.86
CA ARG B 336 -3.74 37.16 -6.05
C ARG B 336 -3.18 36.19 -7.10
N VAL B 337 -2.65 35.04 -6.65
CA VAL B 337 -2.14 33.98 -7.54
C VAL B 337 -3.35 33.25 -8.13
N LEU B 338 -4.32 32.85 -7.30
CA LEU B 338 -5.52 32.17 -7.76
C LEU B 338 -6.31 33.03 -8.74
N SER B 339 -6.45 34.34 -8.48
CA SER B 339 -7.18 35.22 -9.41
C SER B 339 -6.52 35.27 -10.78
N PHE B 340 -5.19 35.08 -10.86
CA PHE B 340 -4.51 35.07 -12.14
C PHE B 340 -4.77 33.76 -12.87
N ILE B 341 -4.67 32.62 -12.17
CA ILE B 341 -4.89 31.30 -12.75
C ILE B 341 -6.36 31.10 -13.17
N LYS B 342 -7.31 31.44 -12.29
CA LYS B 342 -8.74 31.33 -12.51
C LYS B 342 -9.20 32.18 -13.69
N GLY B 343 -8.65 33.39 -13.76
CA GLY B 343 -9.06 34.39 -14.72
C GLY B 343 -10.02 35.40 -14.09
N THR B 344 -10.81 34.94 -13.09
CA THR B 344 -11.75 35.78 -12.35
C THR B 344 -11.21 36.06 -10.95
N LYS B 345 -11.74 37.10 -10.31
CA LYS B 345 -11.31 37.45 -8.97
C LYS B 345 -11.76 36.35 -7.98
N VAL B 346 -10.81 35.90 -7.17
CA VAL B 346 -11.05 34.89 -6.14
C VAL B 346 -11.09 35.67 -4.80
N LEU B 347 -12.29 35.92 -4.30
CA LEU B 347 -12.57 36.72 -3.12
C LEU B 347 -12.23 35.99 -1.83
N PRO B 348 -11.88 36.72 -0.75
CA PRO B 348 -11.74 36.05 0.56
C PRO B 348 -13.08 35.44 0.98
N ARG B 349 -13.05 34.38 1.80
CA ARG B 349 -14.25 33.70 2.28
C ARG B 349 -15.27 34.68 2.91
N GLY B 350 -14.77 35.75 3.49
CA GLY B 350 -15.60 36.77 4.12
C GLY B 350 -16.42 37.60 3.17
N LYS B 351 -16.13 37.53 1.86
CA LYS B 351 -16.87 38.25 0.82
C LYS B 351 -17.77 37.32 -0.02
N LEU B 352 -17.87 36.02 0.32
CA LEU B 352 -18.67 35.06 -0.43
C LEU B 352 -20.07 34.94 0.15
N SER B 353 -21.09 35.07 -0.69
CA SER B 353 -22.50 34.93 -0.32
C SER B 353 -22.92 33.45 -0.49
N THR B 354 -22.30 32.56 0.27
CA THR B 354 -22.62 31.14 0.22
C THR B 354 -22.35 30.48 1.60
N ARG B 355 -22.99 29.34 1.90
CA ARG B 355 -22.79 28.68 3.18
C ARG B 355 -22.28 27.24 3.10
N GLY B 356 -21.57 26.88 2.04
CA GLY B 356 -21.01 25.54 1.96
C GLY B 356 -21.92 24.57 1.27
N VAL B 357 -21.31 23.57 0.67
CA VAL B 357 -21.92 22.54 -0.16
C VAL B 357 -22.91 21.62 0.58
N GLN B 358 -22.47 20.96 1.65
CA GLN B 358 -23.29 19.97 2.34
C GLN B 358 -24.56 20.59 2.91
N ILE B 359 -25.69 19.88 2.76
CA ILE B 359 -26.98 20.34 3.25
C ILE B 359 -27.23 19.72 4.64
N ALA B 360 -27.75 20.52 5.57
CA ALA B 360 -28.06 20.05 6.91
C ALA B 360 -29.36 19.25 6.95
N SER B 361 -29.41 18.25 7.84
CA SER B 361 -30.55 17.36 8.03
C SER B 361 -31.85 18.06 8.29
N ASN B 362 -31.82 19.33 8.71
CA ASN B 362 -33.04 20.07 9.03
C ASN B 362 -33.46 21.08 7.96
N GLU B 363 -32.71 21.19 6.85
CA GLU B 363 -33.01 22.16 5.81
C GLU B 363 -34.27 21.85 5.02
N ASN B 364 -35.00 22.91 4.63
CA ASN B 364 -36.21 22.77 3.85
C ASN B 364 -35.83 22.48 2.41
N MET B 365 -36.26 21.32 1.92
CA MET B 365 -35.99 20.94 0.55
C MET B 365 -36.88 21.64 -0.46
N GLU B 366 -38.04 22.18 -0.03
CA GLU B 366 -38.95 22.86 -0.94
C GLU B 366 -38.38 24.16 -1.46
N THR B 367 -37.57 24.87 -0.67
CA THR B 367 -36.89 26.11 -1.13
C THR B 367 -35.63 25.82 -1.94
N MET B 368 -35.11 24.60 -1.88
CA MET B 368 -33.89 24.19 -2.52
C MET B 368 -33.98 24.14 -4.01
N GLU B 369 -33.07 24.86 -4.68
CA GLU B 369 -32.92 24.86 -6.12
C GLU B 369 -31.53 24.26 -6.44
N SER B 370 -31.07 24.27 -7.70
CA SER B 370 -29.74 23.79 -8.06
C SER B 370 -29.03 24.73 -9.08
N SER B 371 -27.68 24.67 -9.14
CA SER B 371 -26.90 25.48 -10.05
C SER B 371 -25.76 24.68 -10.68
N THR B 372 -25.32 25.10 -11.89
CA THR B 372 -24.21 24.43 -12.55
C THR B 372 -22.96 25.06 -12.01
N LEU B 373 -22.05 24.26 -11.46
CA LEU B 373 -20.81 24.79 -10.93
C LEU B 373 -19.90 25.17 -12.06
N GLU B 374 -19.29 26.35 -11.97
CA GLU B 374 -18.33 26.85 -12.96
C GLU B 374 -16.90 26.59 -12.39
N LEU B 375 -16.32 25.44 -12.74
CA LEU B 375 -15.04 25.02 -12.18
C LEU B 375 -13.86 25.09 -13.13
N ARG B 376 -13.97 25.87 -14.20
CA ARG B 376 -12.86 26.01 -15.14
C ARG B 376 -11.86 27.05 -14.68
N SER B 377 -10.72 27.10 -15.32
CA SER B 377 -9.73 28.14 -15.08
C SER B 377 -9.07 28.57 -16.40
N ARG B 378 -8.63 29.84 -16.49
CA ARG B 378 -8.01 30.44 -17.67
C ARG B 378 -6.69 29.77 -17.99
N TYR B 379 -5.86 29.57 -16.95
CA TYR B 379 -4.54 28.96 -17.07
C TYR B 379 -4.40 27.74 -16.15
N TRP B 380 -3.26 27.07 -16.24
CA TRP B 380 -2.88 25.97 -15.37
C TRP B 380 -1.44 26.24 -14.88
N ALA B 381 -1.07 25.67 -13.73
CA ALA B 381 0.27 25.91 -13.16
C ALA B 381 0.76 24.70 -12.33
N ILE B 382 2.05 24.64 -12.01
CA ILE B 382 2.60 23.52 -11.26
C ILE B 382 2.88 23.88 -9.83
N ARG B 383 2.50 23.01 -8.93
CA ARG B 383 2.70 23.18 -7.50
C ARG B 383 3.97 22.41 -7.05
N THR B 384 4.54 22.81 -5.90
CA THR B 384 5.75 22.18 -5.36
C THR B 384 5.60 21.66 -3.89
N SER B 432 16.19 26.74 23.20
CA SER B 432 16.92 27.79 23.90
C SER B 432 18.03 28.38 23.00
N ASP B 433 19.07 27.57 22.67
CA ASP B 433 20.15 27.99 21.77
C ASP B 433 19.63 27.98 20.32
N MET B 434 18.74 27.01 19.98
CA MET B 434 18.11 26.92 18.67
C MET B 434 17.09 28.03 18.47
N ARG B 435 16.45 28.51 19.56
CA ARG B 435 15.46 29.57 19.49
C ARG B 435 16.06 30.84 18.92
N THR B 436 17.27 31.21 19.35
CA THR B 436 17.94 32.42 18.86
C THR B 436 18.29 32.28 17.36
N GLU B 437 18.71 31.07 16.93
CA GLU B 437 19.04 30.84 15.52
C GLU B 437 17.80 31.03 14.66
N ILE B 438 16.64 30.54 15.15
CA ILE B 438 15.35 30.68 14.48
C ILE B 438 15.02 32.17 14.32
N ILE B 439 15.00 32.93 15.43
CA ILE B 439 14.70 34.36 15.45
C ILE B 439 15.61 35.16 14.48
N MET B 441 16.91 34.77 14.39
CA MET B 441 17.90 35.42 13.51
C MET B 441 17.60 35.12 12.03
N MET B 442 17.12 33.91 11.73
CA MET B 442 16.76 33.55 10.36
C MET B 442 15.46 34.24 9.91
N GLU B 443 14.58 34.60 10.87
CA GLU B 443 13.33 35.29 10.60
C GLU B 443 13.53 36.76 10.15
N SER B 444 14.72 37.34 10.40
CA SER B 444 15.01 38.70 9.93
C SER B 444 15.20 38.78 8.40
N ALA B 445 15.06 37.65 7.66
CA ALA B 445 15.12 37.63 6.20
C ALA B 445 13.79 38.18 5.65
N ARG B 446 13.86 39.08 4.65
CA ARG B 446 12.68 39.77 4.06
C ARG B 446 11.79 38.93 3.11
N PRO B 447 10.51 38.71 3.50
CA PRO B 447 9.60 37.94 2.64
C PRO B 447 8.77 38.76 1.63
N GLU B 448 8.51 38.20 0.44
CA GLU B 448 7.75 38.87 -0.62
C GLU B 448 6.23 38.84 -0.38
N ASP B 449 5.50 39.91 -0.78
CA ASP B 449 4.04 40.00 -0.65
C ASP B 449 3.36 38.88 -1.49
N VAL B 450 3.75 38.75 -2.78
CA VAL B 450 3.29 37.68 -3.65
C VAL B 450 4.44 36.74 -4.02
N SER B 451 4.40 35.50 -3.53
CA SER B 451 5.45 34.53 -3.83
C SER B 451 5.07 33.57 -4.95
N PHE B 452 5.93 33.46 -5.97
CA PHE B 452 5.69 32.56 -7.09
C PHE B 452 7.01 31.90 -7.49
N GLN B 453 7.21 30.67 -7.02
CA GLN B 453 8.38 29.85 -7.29
C GLN B 453 8.14 28.98 -8.55
N GLY B 454 8.12 29.61 -9.73
CA GLY B 454 7.90 28.89 -10.97
C GLY B 454 8.19 29.66 -12.24
N ARG B 455 8.16 28.96 -13.38
CA ARG B 455 8.40 29.55 -14.70
C ARG B 455 7.27 30.49 -15.14
N GLY B 456 6.05 30.22 -14.68
CA GLY B 456 4.88 31.02 -15.00
C GLY B 456 3.63 30.17 -15.11
N VAL B 457 2.58 30.72 -15.72
CA VAL B 457 1.34 29.97 -15.94
C VAL B 457 1.28 29.50 -17.40
N PHE B 458 0.41 28.55 -17.72
CA PHE B 458 0.34 28.02 -19.10
C PHE B 458 -1.07 27.87 -19.60
N GLU B 459 -1.23 27.92 -20.91
CA GLU B 459 -2.53 27.75 -21.54
C GLU B 459 -2.94 26.28 -21.50
N LEU B 460 -4.25 26.01 -21.54
CA LEU B 460 -4.70 24.62 -21.56
C LEU B 460 -4.31 23.90 -22.88
N SER B 461 -4.13 24.66 -23.98
CA SER B 461 -3.70 24.12 -25.28
C SER B 461 -2.21 23.70 -25.24
N ASP B 462 -1.40 24.41 -24.44
CA ASP B 462 0.01 24.11 -24.24
C ASP B 462 0.06 23.07 -23.11
N GLU B 463 0.15 21.80 -23.48
CA GLU B 463 0.19 20.72 -22.49
C GLU B 463 1.61 20.30 -22.10
N LYS B 464 2.62 20.67 -22.91
CA LYS B 464 4.03 20.37 -22.64
C LYS B 464 4.75 21.46 -21.82
N ALA B 465 4.04 22.55 -21.44
CA ALA B 465 4.59 23.68 -20.67
C ALA B 465 5.78 24.36 -21.35
N ALA B 466 5.78 24.37 -22.69
CA ALA B 466 6.84 24.96 -23.51
C ALA B 466 6.71 26.48 -23.70
N SER B 467 5.57 27.07 -23.32
CA SER B 467 5.38 28.51 -23.47
C SER B 467 4.85 29.16 -22.19
N PRO B 468 5.77 29.53 -21.27
CA PRO B 468 5.33 30.13 -19.99
C PRO B 468 4.87 31.57 -20.07
N ILE B 469 3.75 31.86 -19.41
CA ILE B 469 3.16 33.20 -19.35
C ILE B 469 3.52 33.83 -18.01
N VAL B 470 4.21 34.97 -18.05
CA VAL B 470 4.59 35.66 -16.82
C VAL B 470 3.39 36.36 -16.21
N PRO B 471 3.10 36.06 -14.93
CA PRO B 471 1.92 36.65 -14.30
C PRO B 471 2.05 38.10 -13.85
N SER B 472 0.92 38.79 -13.76
CA SER B 472 0.81 40.16 -13.28
C SER B 472 -0.17 40.13 -12.10
N PHE B 473 0.15 40.83 -11.01
CA PHE B 473 -0.70 40.77 -9.82
C PHE B 473 -1.28 42.10 -9.38
N ASP B 474 -2.61 42.13 -9.19
CA ASP B 474 -3.29 43.32 -8.70
C ASP B 474 -3.08 43.38 -7.20
N MET B 475 -2.14 44.20 -6.77
CA MET B 475 -1.78 44.28 -5.36
C MET B 475 -2.81 44.97 -4.46
N SER B 476 -3.89 45.48 -5.05
CA SER B 476 -4.98 46.08 -4.31
C SER B 476 -5.72 44.96 -3.55
N ASN B 477 -5.95 43.81 -4.23
CA ASN B 477 -6.65 42.64 -3.70
C ASN B 477 -5.94 41.99 -2.51
N GLU B 478 -6.76 41.39 -1.62
CA GLU B 478 -6.31 40.69 -0.43
C GLU B 478 -5.73 39.35 -0.82
N GLY B 479 -4.56 39.02 -0.28
CA GLY B 479 -3.89 37.75 -0.53
C GLY B 479 -4.31 36.65 0.42
N SER B 480 -5.06 36.98 1.49
CA SER B 480 -5.51 35.98 2.44
C SER B 480 -6.98 35.65 2.35
N TYR B 481 -7.28 34.37 2.17
CA TYR B 481 -8.63 33.83 2.12
C TYR B 481 -9.37 34.03 3.47
N PHE B 482 -8.61 34.05 4.58
CA PHE B 482 -9.07 34.14 5.95
C PHE B 482 -9.17 35.56 6.50
N PHE B 483 -8.99 36.60 5.66
CA PHE B 483 -9.13 37.98 6.11
C PHE B 483 -10.61 38.33 6.10
N GLY B 484 -11.13 38.75 7.23
CA GLY B 484 -12.55 39.07 7.37
C GLY B 484 -13.46 37.86 7.34
N ASP B 485 -12.90 36.69 7.64
CA ASP B 485 -13.60 35.42 7.62
C ASP B 485 -14.84 35.40 8.46
N ASN B 486 -15.98 35.09 7.81
CA ASN B 486 -17.28 34.97 8.47
C ASN B 486 -17.95 33.61 8.22
N ALA B 487 -17.17 32.61 7.74
CA ALA B 487 -17.63 31.26 7.46
C ALA B 487 -18.10 30.54 8.74
N GLU B 488 -18.92 29.50 8.59
CA GLU B 488 -19.39 28.72 9.73
C GLU B 488 -18.24 28.00 10.38
N GLU B 489 -18.31 27.77 11.69
CA GLU B 489 -17.29 27.00 12.38
C GLU B 489 -17.54 25.54 12.08
N TYR B 490 -16.48 24.79 11.76
CA TYR B 490 -16.58 23.38 11.46
C TYR B 490 -17.05 22.63 12.68
N ASP B 491 -18.17 21.92 12.59
CA ASP B 491 -18.69 21.14 13.72
C ASP B 491 -18.47 19.61 13.58
C12 A1CEM C . 20.20 -14.43 0.23
C13 A1CEM C . 20.64 -13.34 -0.62
C14 A1CEM C . 21.29 -13.59 -1.79
C15 A1CEM C . 22.37 -15.04 -3.47
C18 A1CEM C . 21.88 -15.80 -4.52
C19 A1CEM C . 23.62 -14.44 -3.61
C20 A1CEM C . 24.67 -15.57 -7.09
C21 A1CEM C . 23.86 -15.37 -5.83
C22 A1CEM C . 22.62 -15.97 -5.68
C23 A1CEM C . 24.36 -14.60 -4.77
C24 A1CEM C . 23.01 -15.09 -8.77
C25 A1CEM C . 24.22 -13.28 -7.75
C26 A1CEM C . 22.59 -14.12 -9.85
C27 A1CEM C . 23.76 -12.40 -8.87
C10 A1CEM C . 21.19 -15.95 -1.43
C4 A1CEM C . 21.46 -17.41 -1.71
C8 A1CEM C . 20.44 -11.91 -0.24
C9 A1CEM C . 21.59 -14.89 -2.22
F1 A1CEM C . 20.81 -17.84 -2.78
F2 A1CEM C . 22.76 -17.66 -1.90
F3 A1CEM C . 21.06 -18.21 -0.72
N11 A1CEM C . 20.51 -15.68 -0.25
N16 A1CEM C . 24.30 -14.68 -8.20
N5 A1CEM C . 19.37 -11.62 0.48
O17 A1CEM C . 22.48 -12.79 -9.35
O6 A1CEM C . 21.26 -11.07 -0.61
O7 A1CEM C . 19.61 -14.31 1.29
C12 A1CEM D . -3.72 22.81 -8.95
C13 A1CEM D . -2.28 22.67 -9.04
C14 A1CEM D . -1.46 23.71 -8.70
C15 A1CEM D . -0.95 26.02 -7.97
C18 A1CEM D . -1.06 26.83 -6.85
C19 A1CEM D . 0.19 26.15 -8.77
C20 A1CEM D . 2.23 28.76 -6.95
C21 A1CEM D . 1.08 27.84 -7.31
C22 A1CEM D . -0.07 27.74 -6.54
C23 A1CEM D . 1.18 27.04 -8.43
C24 A1CEM D . 2.68 27.17 -5.12
C25 A1CEM D . 4.18 29.01 -5.51
C26 A1CEM D . 3.65 26.29 -5.86
C27 A1CEM D . 5.09 28.06 -6.23
C10 A1CEM D . -3.34 25.13 -8.22
C4 A1CEM D . -4.09 26.40 -7.85
C8 A1CEM D . -1.62 21.38 -9.43
C9 A1CEM D . -1.96 24.97 -8.29
F1 A1CEM D . -4.34 26.45 -6.54
F2 A1CEM D . -3.44 27.50 -8.20
F3 A1CEM D . -5.25 26.49 -8.47
N11 A1CEM D . -4.16 24.05 -8.54
N16 A1CEM D . 2.78 28.57 -5.59
N5 A1CEM D . -0.30 21.39 -9.58
O17 A1CEM D . 4.99 26.74 -5.71
O6 A1CEM D . -2.29 20.35 -9.61
O7 A1CEM D . -4.55 21.96 -9.26
MG MG E . -20.97 22.69 9.43
#